data_6BI2
#
_entry.id   6BI2
#
_cell.length_a   38.646
_cell.length_b   69.139
_cell.length_c   91.471
_cell.angle_alpha   109.80
_cell.angle_beta   100.29
_cell.angle_gamma   90.08
#
_symmetry.space_group_name_H-M   'P 1'
#
loop_
_entity.id
_entity.type
_entity.pdbx_description
1 polymer 'Trastuzumab Anti-HER2 Fab Heavy Chain'
2 polymer 'Trastuzumab Anti-HER2 Fab Light Chain'
3 non-polymer 1,2-ETHANEDIOL
4 non-polymer BIOTIN
5 water water
#
loop_
_entity_poly.entity_id
_entity_poly.type
_entity_poly.pdbx_seq_one_letter_code
_entity_poly.pdbx_strand_id
1 'polypeptide(L)'
;EVQLVESGGGLVQPGGSLRLSCAASGFNIKDTYIHWVRQAPGKGLEWVARIYPTNGYTRYADSVKGRFTISADTSKNTAY
LQMNSLRAEDTAVYYCSRWGGDGFYAMDYWGQGTLVTVSSASTKGPSVFPLAPSSKSTSGGTAALGCLVKDYFPEPVTVS
WNSGALTSGVHTFPAVLQSSGLYSLSSVVTVPSSSLGTQTYICNVNHKPSNTKVDKKVEPKSCDK
;
H,I
2 'polypeptide(L)'
;DIQMTQSPSSLSASVGDRVTITCRASQDVNTAVAWYQQKPGKAPKLLIYSASFLYSGVPSRFSGSRSGTDFTLTISSLQP
EDFATYYCQQHYTTPPTFGQGTKVEIKRTVAAPSVFIFPPSDEQLKSGTASVVCLLNNFYPREAKVQWKVDNALQSGNSQ
ESVTEQDSKDSTYSLSSTLTLSKAAYEKHKVYACEVTHQGLSSPVTKSFNRGEC
;
L,M
#
loop_
_chem_comp.id
_chem_comp.type
_chem_comp.name
_chem_comp.formula
BTN non-polymer BIOTIN 'C10 H16 N2 O3 S'
EDO non-polymer 1,2-ETHANEDIOL 'C2 H6 O2'
#
# COMPACT_ATOMS: atom_id res chain seq x y z
N GLU A 1 27.28 -9.91 9.18
CA GLU A 1 27.37 -8.46 9.08
C GLU A 1 26.13 -7.80 9.66
N VAL A 2 26.33 -6.63 10.25
CA VAL A 2 25.23 -5.88 10.85
C VAL A 2 24.32 -5.37 9.74
N GLN A 3 23.01 -5.50 9.93
CA GLN A 3 22.08 -4.87 9.02
C GLN A 3 20.90 -4.36 9.82
N LEU A 4 20.31 -3.28 9.32
CA LEU A 4 19.07 -2.72 9.85
C LEU A 4 18.07 -2.65 8.71
N VAL A 5 16.84 -3.10 8.94
CA VAL A 5 15.83 -3.16 7.88
C VAL A 5 14.56 -2.52 8.42
N GLU A 6 14.18 -1.37 7.87
CA GLU A 6 12.93 -0.70 8.25
C GLU A 6 11.76 -1.28 7.48
N SER A 7 10.58 -1.19 8.08
CA SER A 7 9.36 -1.50 7.35
C SER A 7 8.23 -0.71 7.96
N GLY A 8 7.09 -0.65 7.26
CA GLY A 8 5.89 -0.05 7.81
C GLY A 8 5.49 1.28 7.21
N GLY A 9 6.28 1.84 6.31
CA GLY A 9 5.93 3.10 5.68
C GLY A 9 4.78 2.96 4.70
N GLY A 10 4.29 4.10 4.23
CA GLY A 10 3.24 4.11 3.25
C GLY A 10 2.60 5.48 3.20
N LEU A 11 1.46 5.53 2.52
CA LEU A 11 0.65 6.73 2.40
C LEU A 11 -0.41 6.71 3.49
N VAL A 12 -0.50 7.80 4.26
CA VAL A 12 -1.41 7.89 5.41
C VAL A 12 -2.08 9.26 5.45
N GLN A 13 -3.31 9.29 5.98
CA GLN A 13 -4.05 10.55 6.05
C GLN A 13 -3.46 11.44 7.14
N PRO A 14 -3.55 12.76 6.98
CA PRO A 14 -3.18 13.66 8.06
C PRO A 14 -4.03 13.39 9.30
N GLY A 15 -3.38 13.48 10.46
CA GLY A 15 -4.01 13.19 11.74
C GLY A 15 -4.05 11.73 12.12
N GLY A 16 -3.54 10.84 11.26
CA GLY A 16 -3.58 9.42 11.51
C GLY A 16 -2.33 8.92 12.24
N SER A 17 -2.26 7.58 12.33
CA SER A 17 -1.20 6.88 13.05
C SER A 17 -0.56 5.86 12.15
N LEU A 18 0.73 5.61 12.38
CA LEU A 18 1.48 4.63 11.63
C LEU A 18 2.60 4.16 12.52
N ARG A 19 2.91 2.85 12.48
CA ARG A 19 4.01 2.29 13.25
C ARG A 19 5.08 1.77 12.31
N LEU A 20 6.29 2.28 12.44
CA LEU A 20 7.46 1.79 11.74
C LEU A 20 8.18 0.78 12.62
N SER A 21 8.87 -0.17 11.97
N SER A 21 8.78 -0.21 11.98
CA SER A 21 9.69 -1.16 12.64
CA SER A 21 9.60 -1.17 12.70
C SER A 21 11.11 -1.12 12.09
C SER A 21 10.94 -1.26 12.04
N CYS A 22 12.06 -1.55 12.92
N CYS A 22 12.00 -1.37 12.84
CA CYS A 22 13.47 -1.63 12.51
CA CYS A 22 13.28 -1.78 12.30
C CYS A 22 14.03 -2.96 13.03
C CYS A 22 13.77 -3.03 12.98
N ALA A 23 14.19 -3.97 12.15
CA ALA A 23 14.69 -5.26 12.58
C ALA A 23 16.22 -5.27 12.46
N ALA A 24 16.90 -5.60 13.55
CA ALA A 24 18.36 -5.63 13.58
C ALA A 24 18.87 -7.06 13.43
N SER A 25 19.96 -7.21 12.67
CA SER A 25 20.60 -8.51 12.48
C SER A 25 22.11 -8.31 12.62
N GLY A 26 22.81 -9.38 13.03
CA GLY A 26 24.26 -9.36 13.17
C GLY A 26 24.77 -8.69 14.44
N PHE A 27 23.90 -8.19 15.29
CA PHE A 27 24.22 -7.64 16.59
C PHE A 27 22.95 -7.66 17.43
N ASN A 28 23.11 -7.43 18.73
N ASN A 28 23.11 -7.41 18.72
CA ASN A 28 21.99 -7.40 19.67
CA ASN A 28 21.99 -7.40 19.67
C ASN A 28 21.71 -5.97 20.10
C ASN A 28 21.70 -5.97 20.10
N ILE A 29 20.46 -5.53 19.94
CA ILE A 29 20.14 -4.13 20.23
C ILE A 29 20.27 -3.79 21.70
N LYS A 30 20.36 -4.78 22.60
CA LYS A 30 20.68 -4.49 24.00
C LYS A 30 22.00 -3.76 24.17
N ASP A 31 22.96 -4.00 23.30
CA ASP A 31 24.29 -3.42 23.50
C ASP A 31 24.41 -1.99 22.97
N THR A 32 23.36 -1.41 22.38
CA THR A 32 23.49 -0.17 21.62
C THR A 32 22.34 0.79 21.94
N TYR A 33 22.46 1.99 21.38
CA TYR A 33 21.32 2.88 21.20
C TYR A 33 20.81 2.74 19.77
N ILE A 34 19.48 2.77 19.60
CA ILE A 34 18.84 2.75 18.30
C ILE A 34 18.16 4.11 18.09
N HIS A 35 18.27 4.66 16.89
CA HIS A 35 17.75 5.98 16.55
C HIS A 35 16.80 5.88 15.37
N TRP A 36 15.90 6.85 15.28
CA TRP A 36 15.25 7.15 14.00
C TRP A 36 15.74 8.51 13.53
N VAL A 37 16.06 8.61 12.24
CA VAL A 37 16.47 9.85 11.58
C VAL A 37 15.65 9.98 10.29
N ARG A 38 15.12 11.17 10.02
CA ARG A 38 14.26 11.31 8.86
C ARG A 38 14.78 12.37 7.88
N GLN A 39 14.29 12.29 6.65
CA GLN A 39 14.73 13.22 5.62
C GLN A 39 13.54 13.55 4.75
N ALA A 40 13.07 14.78 4.86
CA ALA A 40 11.97 15.26 4.02
C ALA A 40 12.44 15.39 2.57
N PRO A 41 11.54 15.23 1.60
CA PRO A 41 11.95 15.27 0.19
C PRO A 41 12.73 16.52 -0.12
N GLY A 42 13.96 16.34 -0.59
CA GLY A 42 14.83 17.44 -0.95
C GLY A 42 15.45 18.21 0.19
N LYS A 43 15.37 17.72 1.41
CA LYS A 43 15.88 18.45 2.56
C LYS A 43 17.04 17.67 3.19
N GLY A 44 17.56 18.21 4.30
CA GLY A 44 18.63 17.55 5.03
C GLY A 44 18.13 16.50 6.01
N LEU A 45 19.07 15.96 6.78
CA LEU A 45 18.77 14.92 7.75
C LEU A 45 18.35 15.55 9.07
N GLU A 46 17.37 14.94 9.74
CA GLU A 46 16.88 15.42 11.03
C GLU A 46 16.72 14.24 11.98
N TRP A 47 17.42 14.26 13.11
CA TRP A 47 17.25 13.22 14.12
C TRP A 47 15.85 13.32 14.74
N VAL A 48 15.22 12.18 14.99
CA VAL A 48 13.84 12.09 15.50
C VAL A 48 13.79 11.61 16.95
N ALA A 49 14.46 10.48 17.23
CA ALA A 49 14.35 9.90 18.57
C ALA A 49 15.41 8.84 18.75
N ARG A 50 15.65 8.48 20.02
CA ARG A 50 16.58 7.40 20.34
C ARG A 50 16.05 6.60 21.52
N ILE A 51 16.44 5.33 21.56
CA ILE A 51 16.13 4.47 22.70
C ILE A 51 17.34 3.62 23.05
N TYR A 52 17.50 3.37 24.34
CA TYR A 52 18.46 2.42 24.88
C TYR A 52 17.66 1.17 25.28
N PRO A 53 17.62 0.13 24.44
CA PRO A 53 16.65 -0.96 24.68
C PRO A 53 16.84 -1.70 26.00
N THR A 54 18.03 -1.66 26.61
CA THR A 54 18.20 -2.42 27.85
C THR A 54 17.32 -1.88 28.97
N ASN A 55 17.20 -0.55 29.10
CA ASN A 55 16.35 0.01 30.14
C ASN A 55 15.16 0.81 29.58
N GLY A 56 15.06 0.92 28.26
CA GLY A 56 13.94 1.59 27.61
C GLY A 56 13.97 3.10 27.65
N TYR A 57 15.06 3.70 28.11
CA TYR A 57 15.13 5.15 28.19
C TYR A 57 15.12 5.76 26.80
N THR A 58 14.39 6.88 26.65
CA THR A 58 14.14 7.46 25.34
C THR A 58 14.45 8.96 25.37
N ARG A 59 14.77 9.49 24.19
CA ARG A 59 14.89 10.93 23.99
C ARG A 59 14.24 11.27 22.66
N TYR A 60 13.66 12.47 22.55
CA TYR A 60 12.93 12.87 21.35
C TYR A 60 13.36 14.26 20.87
N ALA A 61 13.28 14.47 19.56
CA ALA A 61 13.34 15.84 19.05
C ALA A 61 12.07 16.61 19.43
N ASP A 62 12.21 17.92 19.64
CA ASP A 62 11.08 18.74 20.06
C ASP A 62 9.93 18.68 19.07
N SER A 63 10.23 18.51 17.78
CA SER A 63 9.20 18.53 16.75
C SER A 63 8.27 17.32 16.83
N VAL A 64 8.68 16.24 17.49
CA VAL A 64 7.84 15.04 17.59
C VAL A 64 7.50 14.68 19.03
N LYS A 65 8.00 15.43 20.00
CA LYS A 65 7.72 15.13 21.41
C LYS A 65 6.23 15.10 21.68
N GLY A 66 5.78 14.06 22.37
CA GLY A 66 4.38 13.86 22.71
C GLY A 66 3.55 13.17 21.65
N ARG A 67 3.90 13.34 20.37
CA ARG A 67 3.17 12.71 19.28
C ARG A 67 3.72 11.36 18.89
N PHE A 68 5.05 11.17 18.98
CA PHE A 68 5.73 9.94 18.57
C PHE A 68 6.21 9.19 19.81
N THR A 69 6.28 7.85 19.71
CA THR A 69 6.81 7.01 20.78
C THR A 69 7.80 6.05 20.15
N ILE A 70 9.03 6.06 20.63
CA ILE A 70 10.02 5.06 20.22
C ILE A 70 10.03 3.96 21.28
N SER A 71 10.14 2.71 20.85
CA SER A 71 10.12 1.58 21.76
C SER A 71 10.97 0.49 21.14
N ALA A 72 11.23 -0.56 21.93
CA ALA A 72 12.00 -1.67 21.41
C ALA A 72 11.61 -2.93 22.16
N ASP A 73 11.82 -4.06 21.50
CA ASP A 73 11.56 -5.38 22.07
C ASP A 73 12.85 -6.16 21.91
N THR A 74 13.63 -6.33 22.99
CA THR A 74 14.92 -7.00 22.83
C THR A 74 14.74 -8.46 22.43
N SER A 75 13.62 -9.09 22.83
CA SER A 75 13.39 -10.49 22.45
C SER A 75 13.08 -10.63 20.96
N LYS A 76 12.76 -9.54 20.28
CA LYS A 76 12.61 -9.57 18.84
C LYS A 76 13.75 -8.85 18.13
N ASN A 77 14.72 -8.33 18.87
CA ASN A 77 15.82 -7.55 18.29
C ASN A 77 15.29 -6.48 17.33
N THR A 78 14.18 -5.85 17.70
CA THR A 78 13.45 -4.93 16.80
C THR A 78 13.06 -3.67 17.56
N ALA A 79 13.18 -2.52 16.91
CA ALA A 79 12.77 -1.25 17.48
C ALA A 79 11.59 -0.72 16.68
N TYR A 80 10.87 0.22 17.27
CA TYR A 80 9.63 0.71 16.66
C TYR A 80 9.52 2.21 16.78
N LEU A 81 8.83 2.83 15.83
CA LEU A 81 8.46 4.23 15.98
C LEU A 81 6.96 4.32 15.75
N GLN A 82 6.21 4.55 16.82
CA GLN A 82 4.77 4.79 16.72
C GLN A 82 4.54 6.26 16.46
N MET A 83 4.04 6.58 15.28
CA MET A 83 3.78 7.96 14.87
C MET A 83 2.29 8.22 14.97
N ASN A 84 1.92 9.30 15.67
CA ASN A 84 0.53 9.70 15.81
C ASN A 84 0.39 11.17 15.45
N SER A 85 -0.86 11.60 15.30
CA SER A 85 -1.18 12.99 14.91
C SER A 85 -0.31 13.41 13.73
N LEU A 86 -0.22 12.53 12.74
CA LEU A 86 0.69 12.78 11.63
C LEU A 86 0.28 14.03 10.87
N ARG A 87 1.28 14.80 10.46
CA ARG A 87 1.09 16.03 9.70
C ARG A 87 1.83 15.92 8.39
N ALA A 88 1.46 16.78 7.43
CA ALA A 88 2.22 16.80 6.18
C ALA A 88 3.69 17.10 6.42
N GLU A 89 4.01 17.90 7.45
CA GLU A 89 5.39 18.15 7.81
C GLU A 89 6.17 16.87 8.10
N ASP A 90 5.47 15.78 8.44
CA ASP A 90 6.13 14.52 8.76
C ASP A 90 6.47 13.68 7.54
N THR A 91 6.08 14.11 6.34
CA THR A 91 6.42 13.34 5.14
C THR A 91 7.94 13.27 4.98
N ALA A 92 8.47 12.07 4.89
CA ALA A 92 9.92 11.91 4.86
C ALA A 92 10.27 10.45 4.64
N VAL A 93 11.52 10.22 4.24
CA VAL A 93 12.11 8.89 4.40
C VAL A 93 12.57 8.75 5.84
N TYR A 94 12.16 7.68 6.50
CA TYR A 94 12.52 7.41 7.89
C TYR A 94 13.59 6.33 7.91
N TYR A 95 14.75 6.68 8.46
CA TYR A 95 15.86 5.76 8.61
C TYR A 95 16.00 5.32 10.06
N CYS A 96 16.30 4.05 10.22
N CYS A 96 16.34 4.08 10.28
CA CYS A 96 16.79 3.51 11.47
CA CYS A 96 16.79 3.69 11.60
C CYS A 96 18.32 3.54 11.43
C CYS A 96 18.30 3.55 11.56
N SER A 97 18.94 3.85 12.57
N SER A 97 18.95 3.94 12.65
CA SER A 97 20.40 3.76 12.70
CA SER A 97 20.40 3.82 12.74
C SER A 97 20.72 3.31 14.12
C SER A 97 20.76 3.56 14.19
N ARG A 98 22.01 3.15 14.41
CA ARG A 98 22.45 2.79 15.74
C ARG A 98 23.67 3.61 16.06
N TRP A 99 23.92 3.77 17.35
CA TRP A 99 25.25 4.14 17.78
C TRP A 99 26.07 2.88 17.90
N GLY A 100 27.36 2.98 17.54
CA GLY A 100 28.21 1.82 17.67
C GLY A 100 28.24 1.28 19.10
N GLY A 101 28.24 2.17 20.10
CA GLY A 101 28.38 1.74 21.47
C GLY A 101 29.84 1.57 21.81
N ASP A 102 30.10 1.14 23.05
CA ASP A 102 31.47 0.94 23.53
C ASP A 102 32.35 2.16 23.24
N GLY A 103 31.83 3.34 23.61
CA GLY A 103 32.53 4.59 23.41
C GLY A 103 32.36 5.21 22.03
N PHE A 104 31.68 4.53 21.11
CA PHE A 104 31.51 4.94 19.72
C PHE A 104 30.11 5.49 19.53
N TYR A 105 30.01 6.79 19.24
CA TYR A 105 28.72 7.46 19.17
C TYR A 105 28.45 8.07 17.79
N ALA A 106 29.17 7.62 16.76
CA ALA A 106 28.74 7.91 15.38
C ALA A 106 27.74 6.86 14.91
N MET A 107 26.94 7.21 13.90
CA MET A 107 25.92 6.30 13.38
C MET A 107 26.55 5.46 12.27
N ASP A 108 26.99 4.25 12.63
CA ASP A 108 27.79 3.48 11.68
C ASP A 108 26.95 2.63 10.72
N TYR A 109 25.79 2.15 11.16
CA TYR A 109 24.91 1.36 10.32
C TYR A 109 23.54 2.02 10.23
N TRP A 110 23.00 2.03 9.02
CA TRP A 110 21.71 2.62 8.71
C TRP A 110 20.90 1.61 7.90
N GLY A 111 19.59 1.67 8.02
CA GLY A 111 18.75 0.95 7.08
C GLY A 111 18.61 1.70 5.76
N GLN A 112 17.92 1.08 4.80
CA GLN A 112 17.69 1.77 3.54
C GLN A 112 16.56 2.77 3.60
N GLY A 113 15.82 2.80 4.69
CA GLY A 113 14.78 3.79 4.89
C GLY A 113 13.44 3.31 4.38
N THR A 114 12.39 3.90 4.95
CA THR A 114 11.02 3.61 4.52
C THR A 114 10.30 4.95 4.33
N LEU A 115 9.61 5.10 3.19
CA LEU A 115 8.99 6.37 2.85
C LEU A 115 7.62 6.49 3.50
N VAL A 116 7.38 7.59 4.21
CA VAL A 116 6.09 7.91 4.82
C VAL A 116 5.57 9.18 4.15
N THR A 117 4.39 9.08 3.54
CA THR A 117 3.76 10.21 2.87
C THR A 117 2.44 10.52 3.57
N VAL A 118 2.33 11.73 4.11
CA VAL A 118 1.14 12.17 4.82
C VAL A 118 0.37 13.11 3.90
N SER A 119 -0.80 12.68 3.43
CA SER A 119 -1.54 13.47 2.45
C SER A 119 -2.99 13.00 2.47
N SER A 120 -3.89 13.92 2.17
CA SER A 120 -5.29 13.53 1.99
C SER A 120 -5.59 13.11 0.56
N ALA A 121 -4.61 13.15 -0.34
CA ALA A 121 -4.85 12.81 -1.74
C ALA A 121 -4.91 11.30 -1.95
N SER A 122 -5.83 10.86 -2.81
N SER A 122 -5.84 10.86 -2.80
CA SER A 122 -5.97 9.43 -3.05
CA SER A 122 -5.98 9.43 -3.09
C SER A 122 -4.92 8.94 -4.05
C SER A 122 -4.87 8.94 -4.02
N THR A 123 -4.65 7.63 -3.99
CA THR A 123 -3.76 7.00 -4.96
C THR A 123 -4.33 7.13 -6.36
N LYS A 124 -3.45 7.21 -7.35
CA LYS A 124 -3.83 7.27 -8.75
C LYS A 124 -2.69 6.73 -9.61
N GLY A 125 -2.99 5.80 -10.51
CA GLY A 125 -2.01 5.27 -11.41
C GLY A 125 -1.74 6.20 -12.58
N PRO A 126 -0.56 6.10 -13.17
CA PRO A 126 -0.22 7.00 -14.28
C PRO A 126 -0.82 6.54 -15.60
N SER A 127 -1.00 7.51 -16.50
CA SER A 127 -1.15 7.22 -17.93
C SER A 127 0.21 7.29 -18.58
N VAL A 128 0.47 6.39 -19.52
CA VAL A 128 1.78 6.33 -20.18
C VAL A 128 1.59 6.63 -21.65
N PHE A 129 2.26 7.67 -22.14
CA PHE A 129 2.13 8.11 -23.52
C PHE A 129 3.48 8.04 -24.21
N PRO A 130 3.52 7.69 -25.50
CA PRO A 130 4.82 7.61 -26.18
C PRO A 130 5.41 8.99 -26.49
N LEU A 131 6.74 9.08 -26.39
CA LEU A 131 7.53 10.17 -26.95
C LEU A 131 8.13 9.61 -28.23
N ALA A 132 7.43 9.82 -29.35
CA ALA A 132 7.74 9.14 -30.60
C ALA A 132 8.98 9.74 -31.25
N PRO A 133 9.88 8.91 -31.78
CA PRO A 133 11.09 9.45 -32.42
C PRO A 133 10.73 10.24 -33.67
N SER A 134 11.45 11.35 -33.85
CA SER A 134 11.18 12.27 -34.94
C SER A 134 11.43 11.60 -36.30
N SER A 135 10.57 11.88 -37.27
CA SER A 135 10.81 11.46 -38.64
C SER A 135 12.00 12.21 -39.26
N LYS A 136 12.47 13.27 -38.62
CA LYS A 136 13.66 13.99 -39.06
C LYS A 136 14.93 13.47 -38.38
N SER A 137 14.85 12.31 -37.73
CA SER A 137 16.05 11.70 -37.15
C SER A 137 17.10 11.48 -38.23
N THR A 138 18.32 11.93 -37.96
CA THR A 138 19.39 11.92 -38.96
C THR A 138 19.69 10.49 -39.39
N SER A 139 19.62 10.24 -40.70
CA SER A 139 19.91 8.91 -41.23
C SER A 139 21.29 8.45 -40.80
N GLY A 140 21.36 7.26 -40.22
CA GLY A 140 22.61 6.71 -39.75
C GLY A 140 23.17 7.36 -38.50
N GLY A 141 22.41 8.23 -37.84
CA GLY A 141 22.90 8.91 -36.66
C GLY A 141 22.23 8.43 -35.38
N THR A 142 21.87 9.37 -34.51
CA THR A 142 21.31 9.06 -33.20
C THR A 142 19.93 9.69 -33.06
N ALA A 143 18.96 8.89 -32.61
CA ALA A 143 17.59 9.33 -32.42
C ALA A 143 17.21 9.15 -30.96
N ALA A 144 16.24 9.95 -30.51
CA ALA A 144 15.74 9.88 -29.16
C ALA A 144 14.27 9.50 -29.17
N LEU A 145 13.87 8.72 -28.18
CA LEU A 145 12.47 8.37 -27.97
C LEU A 145 12.25 8.18 -26.48
N GLY A 146 11.00 8.06 -26.07
CA GLY A 146 10.77 7.86 -24.65
C GLY A 146 9.30 7.63 -24.35
N CYS A 147 8.99 7.72 -23.06
N CYS A 147 8.97 7.72 -23.06
CA CYS A 147 7.64 7.60 -22.55
CA CYS A 147 7.58 7.59 -22.62
C CYS A 147 7.38 8.75 -21.58
C CYS A 147 7.30 8.58 -21.50
N LEU A 148 6.16 9.25 -21.60
CA LEU A 148 5.70 10.25 -20.64
C LEU A 148 4.75 9.55 -19.66
N VAL A 149 5.10 9.60 -18.39
CA VAL A 149 4.40 8.92 -17.31
C VAL A 149 3.69 10.00 -16.50
N LYS A 150 2.41 10.20 -16.74
CA LYS A 150 1.74 11.41 -16.33
C LYS A 150 0.62 11.13 -15.33
N ASP A 151 0.48 12.03 -14.35
CA ASP A 151 -0.68 12.12 -13.46
C ASP A 151 -0.80 10.92 -12.52
N TYR A 152 0.18 10.72 -11.65
CA TYR A 152 0.11 9.65 -10.67
C TYR A 152 0.36 10.21 -9.28
N PHE A 153 -0.05 9.43 -8.26
CA PHE A 153 0.18 9.79 -6.88
C PHE A 153 0.05 8.54 -6.04
N PRO A 154 0.91 8.33 -5.02
CA PRO A 154 2.06 9.15 -4.64
C PRO A 154 3.31 8.65 -5.36
N GLU A 155 4.48 9.15 -4.99
CA GLU A 155 5.72 8.53 -5.41
C GLU A 155 5.84 7.16 -4.75
N PRO A 156 6.64 6.25 -5.31
CA PRO A 156 7.47 6.35 -6.52
C PRO A 156 6.95 5.52 -7.69
N VAL A 157 7.51 5.76 -8.88
N VAL A 157 7.56 5.73 -8.86
CA VAL A 157 7.32 4.90 -10.03
CA VAL A 157 7.31 4.95 -10.08
C VAL A 157 8.69 4.43 -10.49
C VAL A 157 8.65 4.50 -10.64
N THR A 158 8.71 3.27 -11.13
CA THR A 158 9.91 2.75 -11.78
C THR A 158 9.64 2.62 -13.28
N VAL A 159 10.69 2.81 -14.08
CA VAL A 159 10.63 2.68 -15.53
C VAL A 159 11.82 1.87 -16.00
N SER A 160 11.59 0.89 -16.86
CA SER A 160 12.66 0.18 -17.54
C SER A 160 12.34 0.16 -19.03
N TRP A 161 13.33 -0.26 -19.82
CA TRP A 161 13.18 -0.33 -21.27
C TRP A 161 13.49 -1.74 -21.74
N ASN A 162 12.58 -2.28 -22.56
CA ASN A 162 12.73 -3.63 -23.12
C ASN A 162 13.00 -4.66 -22.02
N SER A 163 12.33 -4.48 -20.89
CA SER A 163 12.46 -5.38 -19.75
C SER A 163 13.93 -5.55 -19.33
N GLY A 164 14.60 -4.42 -19.14
CA GLY A 164 15.96 -4.43 -18.67
C GLY A 164 17.02 -4.65 -19.72
N ALA A 165 16.65 -5.03 -20.95
CA ALA A 165 17.67 -5.29 -21.96
C ALA A 165 18.33 -3.99 -22.45
N LEU A 166 17.61 -2.87 -22.38
CA LEU A 166 18.10 -1.59 -22.86
C LEU A 166 18.39 -0.71 -21.64
N THR A 167 19.67 -0.47 -21.36
CA THR A 167 20.09 0.35 -20.23
C THR A 167 21.00 1.50 -20.62
N SER A 168 21.89 1.27 -21.59
CA SER A 168 22.79 2.32 -22.04
C SER A 168 21.99 3.44 -22.71
N GLY A 169 22.28 4.68 -22.33
CA GLY A 169 21.62 5.81 -22.94
C GLY A 169 20.26 6.13 -22.38
N VAL A 170 19.82 5.43 -21.34
CA VAL A 170 18.52 5.69 -20.73
C VAL A 170 18.67 6.81 -19.71
N HIS A 171 17.72 7.75 -19.73
CA HIS A 171 17.59 8.79 -18.71
C HIS A 171 16.16 8.81 -18.23
N THR A 172 15.93 8.42 -16.99
CA THR A 172 14.62 8.48 -16.38
C THR A 172 14.63 9.64 -15.40
N PHE A 173 13.88 10.67 -15.73
CA PHE A 173 13.98 11.94 -15.02
C PHE A 173 13.31 11.89 -13.66
N PRO A 174 13.80 12.65 -12.69
CA PRO A 174 13.08 12.81 -11.43
C PRO A 174 11.68 13.37 -11.69
N ALA A 175 10.70 12.87 -10.96
CA ALA A 175 9.34 13.35 -11.11
C ALA A 175 9.21 14.80 -10.68
N VAL A 176 8.27 15.51 -11.29
CA VAL A 176 7.92 16.86 -10.87
C VAL A 176 6.46 16.82 -10.43
N LEU A 177 6.14 17.59 -9.39
CA LEU A 177 4.76 17.72 -8.94
C LEU A 177 4.09 18.80 -9.79
N GLN A 178 3.00 18.44 -10.46
CA GLN A 178 2.27 19.36 -11.31
C GLN A 178 1.36 20.25 -10.46
N SER A 179 0.89 21.34 -11.06
CA SER A 179 -0.04 22.21 -10.34
C SER A 179 -1.29 21.46 -9.90
N SER A 180 -1.64 20.37 -10.59
CA SER A 180 -2.79 19.57 -10.19
C SER A 180 -2.55 18.78 -8.91
N GLY A 181 -1.31 18.68 -8.44
CA GLY A 181 -1.01 17.85 -7.29
C GLY A 181 -0.68 16.42 -7.62
N LEU A 182 -0.60 16.07 -8.90
CA LEU A 182 -0.18 14.77 -9.39
C LEU A 182 1.23 14.89 -9.96
N TYR A 183 1.96 13.78 -9.90
CA TYR A 183 3.33 13.71 -10.39
C TYR A 183 3.35 13.34 -11.86
N SER A 184 4.46 13.67 -12.50
CA SER A 184 4.69 13.34 -13.90
C SER A 184 6.19 13.22 -14.09
N LEU A 185 6.61 12.28 -14.94
CA LEU A 185 8.00 12.22 -15.37
C LEU A 185 8.05 11.63 -16.77
N SER A 186 9.23 11.78 -17.38
CA SER A 186 9.52 11.15 -18.65
C SER A 186 10.76 10.28 -18.49
N SER A 187 10.81 9.23 -19.32
CA SER A 187 12.00 8.42 -19.47
C SER A 187 12.35 8.44 -20.95
N VAL A 188 13.62 8.70 -21.27
CA VAL A 188 14.05 8.81 -22.66
C VAL A 188 15.24 7.88 -22.87
N VAL A 189 15.52 7.60 -24.14
CA VAL A 189 16.67 6.81 -24.51
C VAL A 189 17.10 7.25 -25.90
N THR A 190 18.41 7.30 -26.11
CA THR A 190 18.96 7.58 -27.43
C THR A 190 19.39 6.25 -28.03
N VAL A 191 19.04 6.05 -29.30
CA VAL A 191 19.32 4.82 -30.03
C VAL A 191 19.81 5.17 -31.43
N PRO A 192 20.43 4.21 -32.12
CA PRO A 192 20.79 4.44 -33.53
C PRO A 192 19.55 4.69 -34.38
N SER A 193 19.65 5.70 -35.26
CA SER A 193 18.52 6.02 -36.12
C SER A 193 18.15 4.86 -37.02
N SER A 194 19.13 4.04 -37.41
CA SER A 194 18.84 2.90 -38.30
C SER A 194 17.95 1.87 -37.64
N SER A 195 17.89 1.84 -36.30
CA SER A 195 17.10 0.85 -35.58
C SER A 195 15.61 1.17 -35.58
N LEU A 196 15.23 2.41 -35.88
CA LEU A 196 13.82 2.77 -35.87
C LEU A 196 13.06 2.05 -36.97
N GLY A 197 11.86 1.57 -36.64
CA GLY A 197 11.05 0.83 -37.59
C GLY A 197 11.29 -0.67 -37.60
N THR A 198 12.41 -1.14 -37.06
CA THR A 198 12.70 -2.56 -36.98
C THR A 198 12.87 -3.02 -35.55
N GLN A 199 13.70 -2.36 -34.76
CA GLN A 199 13.85 -2.69 -33.35
C GLN A 199 12.63 -2.20 -32.57
N THR A 200 12.16 -3.02 -31.64
CA THR A 200 11.00 -2.65 -30.82
C THR A 200 11.49 -2.01 -29.52
N TYR A 201 10.86 -0.89 -29.14
CA TYR A 201 11.18 -0.19 -27.91
C TYR A 201 9.93 -0.12 -27.05
N ILE A 202 9.98 -0.74 -25.88
CA ILE A 202 8.85 -0.77 -24.96
C ILE A 202 9.34 -0.22 -23.62
N CYS A 203 8.63 0.76 -23.08
N CYS A 203 8.58 0.70 -23.03
CA CYS A 203 8.90 1.20 -21.72
CA CYS A 203 8.90 1.24 -21.72
C CYS A 203 8.00 0.41 -20.77
C CYS A 203 7.97 0.61 -20.67
N ASN A 204 8.59 -0.03 -19.67
CA ASN A 204 7.87 -0.81 -18.66
C ASN A 204 7.72 0.05 -17.41
N VAL A 205 6.48 0.41 -17.09
CA VAL A 205 6.17 1.33 -16.01
C VAL A 205 5.49 0.57 -14.88
N ASN A 206 5.97 0.76 -13.65
CA ASN A 206 5.43 0.11 -12.46
C ASN A 206 5.14 1.18 -11.42
N HIS A 207 3.89 1.25 -10.96
CA HIS A 207 3.48 2.17 -9.91
C HIS A 207 2.87 1.29 -8.83
N LYS A 208 3.74 0.74 -7.98
CA LYS A 208 3.29 -0.12 -6.89
C LYS A 208 2.20 0.48 -6.01
N PRO A 209 2.24 1.77 -5.62
CA PRO A 209 1.21 2.27 -4.71
C PRO A 209 -0.21 2.11 -5.23
N SER A 210 -0.43 2.16 -6.55
CA SER A 210 -1.76 1.93 -7.12
C SER A 210 -1.90 0.58 -7.80
N ASN A 211 -0.90 -0.30 -7.69
CA ASN A 211 -0.90 -1.61 -8.34
C ASN A 211 -1.06 -1.47 -9.86
N THR A 212 -0.44 -0.45 -10.43
CA THR A 212 -0.54 -0.18 -11.86
C THR A 212 0.75 -0.61 -12.55
N LYS A 213 0.61 -1.41 -13.61
CA LYS A 213 1.73 -1.88 -14.42
C LYS A 213 1.35 -1.69 -15.88
N VAL A 214 2.14 -0.92 -16.60
CA VAL A 214 1.87 -0.58 -18.00
C VAL A 214 3.13 -0.85 -18.81
N ASP A 215 3.00 -1.54 -19.93
CA ASP A 215 4.06 -1.67 -20.94
C ASP A 215 3.60 -0.91 -22.17
N LYS A 216 4.38 0.06 -22.63
CA LYS A 216 3.97 0.95 -23.71
C LYS A 216 4.98 0.84 -24.84
N LYS A 217 4.50 0.46 -26.03
CA LYS A 217 5.34 0.41 -27.20
C LYS A 217 5.50 1.82 -27.77
N VAL A 218 6.74 2.19 -28.09
CA VAL A 218 7.06 3.50 -28.67
C VAL A 218 7.61 3.27 -30.08
N GLU A 219 6.89 3.75 -31.08
CA GLU A 219 7.28 3.55 -32.46
C GLU A 219 7.13 4.85 -33.24
N PRO A 220 7.77 4.95 -34.40
CA PRO A 220 7.57 6.15 -35.23
C PRO A 220 6.10 6.28 -35.63
N LYS A 221 5.62 7.52 -35.63
CA LYS A 221 4.23 7.79 -35.96
C LYS A 221 4.00 7.63 -37.47
N SER A 222 2.89 6.99 -37.82
CA SER A 222 2.58 6.67 -39.21
C SER A 222 2.30 7.92 -40.05
N ASP B 1 20.73 23.28 22.38
CA ASP B 1 20.98 22.64 21.09
C ASP B 1 22.18 23.26 20.40
N ILE B 2 23.23 22.46 20.22
CA ILE B 2 24.42 22.87 19.51
C ILE B 2 24.14 22.86 18.01
N GLN B 3 24.50 23.94 17.32
CA GLN B 3 24.29 24.06 15.88
C GLN B 3 25.59 23.78 15.14
N MET B 4 25.46 23.21 13.93
CA MET B 4 26.58 22.88 13.07
C MET B 4 26.41 23.67 11.78
N THR B 5 27.24 24.69 11.59
CA THR B 5 27.10 25.59 10.45
C THR B 5 28.06 25.14 9.37
N GLN B 6 27.51 24.57 8.30
CA GLN B 6 28.29 23.91 7.27
C GLN B 6 28.44 24.79 6.04
N SER B 7 29.64 24.83 5.49
CA SER B 7 29.96 25.63 4.32
C SER B 7 30.89 24.83 3.41
N PRO B 8 30.78 25.00 2.08
CA PRO B 8 29.76 25.80 1.38
C PRO B 8 28.50 24.96 1.18
N SER B 9 27.42 25.58 0.70
CA SER B 9 26.23 24.81 0.42
C SER B 9 26.44 23.87 -0.76
N SER B 10 27.31 24.25 -1.70
CA SER B 10 27.61 23.42 -2.85
C SER B 10 28.97 23.79 -3.40
N LEU B 11 29.55 22.87 -4.15
CA LEU B 11 30.82 23.15 -4.77
C LEU B 11 31.00 22.27 -6.00
N SER B 12 31.85 22.74 -6.91
CA SER B 12 32.19 22.04 -8.14
C SER B 12 33.70 21.98 -8.25
N ALA B 13 34.23 20.79 -8.56
CA ALA B 13 35.68 20.63 -8.69
C ALA B 13 35.96 19.53 -9.70
N SER B 14 37.13 19.63 -10.34
CA SER B 14 37.54 18.68 -11.35
C SER B 14 38.05 17.39 -10.69
N VAL B 15 38.08 16.31 -11.49
CA VAL B 15 38.64 15.06 -11.02
C VAL B 15 40.10 15.28 -10.65
N GLY B 16 40.48 14.83 -9.45
CA GLY B 16 41.84 15.02 -8.94
C GLY B 16 42.05 16.27 -8.11
N ASP B 17 41.08 17.18 -8.07
CA ASP B 17 41.19 18.39 -7.28
C ASP B 17 41.00 18.09 -5.80
N ARG B 18 41.54 18.98 -4.98
CA ARG B 18 41.37 18.91 -3.53
C ARG B 18 40.13 19.69 -3.12
N VAL B 19 39.25 19.04 -2.37
CA VAL B 19 37.98 19.62 -1.95
C VAL B 19 37.98 19.74 -0.43
N THR B 20 37.57 20.90 0.07
CA THR B 20 37.53 21.18 1.50
C THR B 20 36.10 21.58 1.89
N ILE B 21 35.52 20.86 2.84
CA ILE B 21 34.20 21.18 3.40
C ILE B 21 34.38 21.48 4.88
N THR B 22 33.77 22.56 5.36
CA THR B 22 34.01 22.95 6.74
C THR B 22 32.72 23.04 7.54
N CYS B 23 32.85 22.92 8.85
N CYS B 23 32.85 22.93 8.85
CA CYS B 23 31.69 23.06 9.73
CA CYS B 23 31.71 23.01 9.75
C CYS B 23 32.13 23.67 11.04
C CYS B 23 32.14 23.67 11.04
N ARG B 24 31.38 24.68 11.47
CA ARG B 24 31.62 25.39 12.72
C ARG B 24 30.56 24.99 13.73
N ALA B 25 30.99 24.39 14.85
CA ALA B 25 30.08 24.11 15.95
C ALA B 25 29.82 25.40 16.72
N SER B 26 28.57 25.58 17.15
CA SER B 26 28.21 26.80 17.87
C SER B 26 28.89 26.88 19.22
N GLN B 27 29.26 25.75 19.80
CA GLN B 27 30.04 25.74 21.03
C GLN B 27 30.96 24.52 21.00
N ASP B 28 31.78 24.39 22.03
CA ASP B 28 32.72 23.27 22.10
C ASP B 28 32.00 21.92 22.07
N VAL B 29 32.47 21.02 21.20
CA VAL B 29 31.92 19.67 21.11
C VAL B 29 33.05 18.67 21.21
N ASN B 30 34.21 19.12 21.70
CA ASN B 30 35.40 18.25 21.85
C ASN B 30 35.67 17.65 20.47
N THR B 31 35.83 16.33 20.34
CA THR B 31 35.95 15.69 19.04
C THR B 31 34.72 14.87 18.66
N ALA B 32 33.56 15.13 19.27
CA ALA B 32 32.35 14.32 19.05
C ALA B 32 31.61 14.73 17.77
N VAL B 33 32.29 14.53 16.65
CA VAL B 33 31.81 14.96 15.34
C VAL B 33 32.04 13.84 14.34
N ALA B 34 31.05 13.62 13.47
CA ALA B 34 31.16 12.61 12.42
C ALA B 34 30.80 13.24 11.09
N TRP B 35 31.32 12.65 10.01
CA TRP B 35 31.03 13.08 8.64
C TRP B 35 30.36 11.96 7.86
N TYR B 36 29.35 12.31 7.08
CA TYR B 36 28.58 11.34 6.31
C TYR B 36 28.51 11.74 4.85
N GLN B 37 28.41 10.72 3.99
CA GLN B 37 28.21 10.89 2.57
C GLN B 37 26.84 10.33 2.21
N GLN B 38 26.07 11.05 1.40
CA GLN B 38 24.77 10.53 0.98
C GLN B 38 24.61 10.67 -0.53
N LYS B 39 24.54 9.54 -1.21
CA LYS B 39 24.33 9.55 -2.63
C LYS B 39 22.83 9.51 -2.93
N PRO B 40 22.42 9.99 -4.10
CA PRO B 40 20.99 10.03 -4.43
C PRO B 40 20.31 8.68 -4.27
N GLY B 41 19.18 8.67 -3.57
CA GLY B 41 18.38 7.46 -3.37
C GLY B 41 18.94 6.48 -2.35
N LYS B 42 19.99 6.86 -1.62
CA LYS B 42 20.67 5.96 -0.70
C LYS B 42 20.69 6.51 0.72
N ALA B 43 20.93 5.61 1.68
CA ALA B 43 21.13 6.02 3.06
C ALA B 43 22.48 6.70 3.25
N PRO B 44 22.60 7.56 4.25
CA PRO B 44 23.90 8.12 4.59
C PRO B 44 24.91 7.03 4.94
N LYS B 45 26.17 7.30 4.62
CA LYS B 45 27.28 6.40 4.88
C LYS B 45 28.31 7.12 5.73
N LEU B 46 28.72 6.49 6.82
CA LEU B 46 29.69 7.11 7.72
C LEU B 46 31.09 7.12 7.07
N LEU B 47 31.73 8.29 7.05
CA LEU B 47 33.06 8.47 6.49
C LEU B 47 34.13 8.63 7.55
N ILE B 48 33.88 9.50 8.54
CA ILE B 48 34.86 9.91 9.53
C ILE B 48 34.16 9.90 10.89
N TYR B 49 34.83 9.35 11.91
CA TYR B 49 34.30 9.39 13.26
C TYR B 49 35.32 10.02 14.19
N SER B 50 34.82 10.54 15.32
CA SER B 50 35.65 11.26 16.29
C SER B 50 36.54 12.28 15.60
N ALA B 51 35.94 13.02 14.65
CA ALA B 51 36.52 14.16 13.95
C ALA B 51 37.59 13.79 12.93
N SER B 52 38.44 12.80 13.21
CA SER B 52 39.60 12.57 12.37
C SER B 52 39.88 11.13 11.99
N PHE B 53 39.04 10.16 12.36
CA PHE B 53 39.35 8.75 12.15
C PHE B 53 38.56 8.23 10.96
N LEU B 54 39.28 7.62 10.00
CA LEU B 54 38.66 7.08 8.80
C LEU B 54 37.85 5.83 9.13
N TYR B 55 36.60 5.81 8.69
CA TYR B 55 35.75 4.66 9.00
C TYR B 55 36.01 3.52 8.01
N SER B 56 35.43 2.35 8.32
CA SER B 56 35.62 1.13 7.55
C SER B 56 35.26 1.32 6.07
N GLY B 57 36.13 0.83 5.20
CA GLY B 57 35.89 0.81 3.78
C GLY B 57 35.99 2.13 3.07
N VAL B 58 36.22 3.23 3.79
CA VAL B 58 36.27 4.54 3.16
C VAL B 58 37.64 4.73 2.51
N PRO B 59 37.69 5.19 1.26
CA PRO B 59 38.99 5.38 0.61
C PRO B 59 39.86 6.38 1.37
N SER B 60 41.17 6.20 1.23
CA SER B 60 42.13 7.03 1.96
C SER B 60 42.11 8.48 1.51
N ARG B 61 41.43 8.81 0.41
CA ARG B 61 41.40 10.20 -0.02
C ARG B 61 40.56 11.07 0.91
N PHE B 62 39.71 10.44 1.74
CA PHE B 62 38.91 11.15 2.73
C PHE B 62 39.68 11.28 4.04
N SER B 63 39.63 12.47 4.62
CA SER B 63 40.23 12.67 5.94
C SER B 63 39.45 13.78 6.66
N GLY B 64 39.55 13.78 7.97
CA GLY B 64 38.92 14.80 8.77
C GLY B 64 39.89 15.41 9.76
N SER B 65 39.67 16.68 10.07
N SER B 65 39.65 16.67 10.08
CA SER B 65 40.51 17.34 11.07
CA SER B 65 40.49 17.38 11.03
C SER B 65 39.66 18.30 11.89
C SER B 65 39.63 18.27 11.91
N ARG B 66 40.18 18.62 13.08
CA ARG B 66 39.53 19.49 14.03
C ARG B 66 40.50 20.56 14.49
N SER B 67 40.04 21.81 14.53
CA SER B 67 40.79 22.89 15.18
C SER B 67 39.76 23.67 15.99
N GLY B 68 39.76 23.47 17.30
CA GLY B 68 38.78 24.14 18.14
C GLY B 68 37.39 23.69 17.78
N THR B 69 36.52 24.66 17.47
CA THR B 69 35.17 24.36 17.00
C THR B 69 35.07 24.26 15.47
N ASP B 70 36.19 24.32 14.77
CA ASP B 70 36.21 24.21 13.31
C ASP B 70 36.53 22.77 12.92
N PHE B 71 35.67 22.17 12.10
CA PHE B 71 35.80 20.80 11.62
C PHE B 71 35.88 20.79 10.11
N THR B 72 36.80 19.99 9.57
CA THR B 72 37.07 20.03 8.14
C THR B 72 37.11 18.61 7.58
N LEU B 73 36.32 18.38 6.54
CA LEU B 73 36.41 17.17 5.72
C LEU B 73 37.19 17.52 4.47
N THR B 74 38.20 16.74 4.17
CA THR B 74 39.03 16.93 2.98
C THR B 74 38.92 15.71 2.11
N ILE B 75 38.70 15.92 0.82
CA ILE B 75 38.86 14.89 -0.18
C ILE B 75 40.07 15.28 -1.00
N SER B 76 41.18 14.56 -0.80
CA SER B 76 42.46 14.99 -1.35
C SER B 76 42.49 14.90 -2.87
N SER B 77 41.71 14.00 -3.47
CA SER B 77 41.70 13.80 -4.92
C SER B 77 40.27 13.42 -5.29
N LEU B 78 39.50 14.39 -5.79
CA LEU B 78 38.07 14.15 -6.04
C LEU B 78 37.87 13.15 -7.17
N GLN B 79 36.98 12.19 -6.97
CA GLN B 79 36.72 11.17 -7.97
C GLN B 79 35.28 11.30 -8.45
N PRO B 80 34.95 10.78 -9.63
CA PRO B 80 33.56 10.90 -10.14
C PRO B 80 32.52 10.27 -9.22
N GLU B 81 32.85 9.16 -8.56
CA GLU B 81 31.91 8.54 -7.64
C GLU B 81 31.71 9.35 -6.36
N ASP B 82 32.48 10.41 -6.14
CA ASP B 82 32.30 11.23 -4.95
C ASP B 82 31.14 12.23 -5.09
N PHE B 83 30.46 12.24 -6.24
CA PHE B 83 29.27 13.06 -6.39
C PHE B 83 28.25 12.67 -5.34
N ALA B 84 27.93 13.59 -4.43
CA ALA B 84 27.05 13.27 -3.31
C ALA B 84 26.81 14.53 -2.48
N THR B 85 25.91 14.42 -1.49
CA THR B 85 25.78 15.44 -0.46
C THR B 85 26.48 14.96 0.80
N TYR B 86 27.29 15.84 1.40
CA TYR B 86 28.08 15.52 2.59
C TYR B 86 27.51 16.27 3.78
N TYR B 87 27.45 15.59 4.92
CA TYR B 87 26.91 16.16 6.14
C TYR B 87 27.86 15.98 7.30
N CYS B 88 28.10 17.05 8.05
N CYS B 88 28.01 17.02 8.10
CA CYS B 88 28.70 16.93 9.37
CA CYS B 88 28.69 16.92 9.38
C CYS B 88 27.61 16.65 10.40
C CYS B 88 27.67 16.87 10.50
N GLN B 89 28.03 16.18 11.58
CA GLN B 89 27.11 15.92 12.69
C GLN B 89 27.86 16.05 14.00
N GLN B 90 27.28 16.74 14.97
CA GLN B 90 27.79 16.67 16.33
C GLN B 90 26.92 15.72 17.15
N HIS B 91 27.57 14.94 18.01
CA HIS B 91 26.87 14.06 18.93
C HIS B 91 27.40 14.25 20.34
N TYR B 92 27.82 15.49 20.63
CA TYR B 92 28.30 15.81 21.96
C TYR B 92 27.15 15.89 22.96
N THR B 93 26.01 16.43 22.53
CA THR B 93 24.82 16.52 23.36
C THR B 93 23.61 16.03 22.57
N THR B 94 22.49 15.91 23.27
CA THR B 94 21.18 15.59 22.72
C THR B 94 20.41 16.88 22.53
N PRO B 95 19.82 17.13 21.36
CA PRO B 95 19.83 16.23 20.21
C PRO B 95 21.12 16.31 19.40
N PRO B 96 21.52 15.20 18.79
CA PRO B 96 22.58 15.28 17.78
C PRO B 96 22.07 16.09 16.60
N THR B 97 22.92 16.98 16.10
CA THR B 97 22.51 17.88 15.04
C THR B 97 23.40 17.73 13.82
N PHE B 98 22.79 17.88 12.65
CA PHE B 98 23.48 17.81 11.37
C PHE B 98 23.71 19.21 10.82
N GLY B 99 24.79 19.38 10.07
CA GLY B 99 24.93 20.55 9.25
C GLY B 99 23.95 20.49 8.08
N GLN B 100 23.77 21.64 7.41
CA GLN B 100 22.82 21.72 6.31
C GLN B 100 23.21 20.91 5.09
N GLY B 101 24.47 20.49 4.99
CA GLY B 101 24.92 19.66 3.88
C GLY B 101 25.66 20.46 2.82
N THR B 102 26.56 19.78 2.11
CA THR B 102 27.31 20.35 0.99
C THR B 102 27.12 19.43 -0.20
N LYS B 103 26.55 19.96 -1.29
CA LYS B 103 26.36 19.21 -2.54
C LYS B 103 27.62 19.34 -3.39
N VAL B 104 28.23 18.20 -3.74
CA VAL B 104 29.48 18.16 -4.50
C VAL B 104 29.20 17.61 -5.89
N GLU B 105 29.62 18.35 -6.92
CA GLU B 105 29.52 17.87 -8.29
C GLU B 105 30.90 17.94 -8.94
N ILE B 106 31.03 17.22 -10.05
CA ILE B 106 32.31 17.08 -10.74
C ILE B 106 32.35 18.07 -11.89
N LYS B 107 33.40 18.87 -11.94
CA LYS B 107 33.61 19.78 -13.05
C LYS B 107 34.34 19.04 -14.17
N ARG B 108 33.81 19.13 -15.39
CA ARG B 108 34.42 18.52 -16.55
C ARG B 108 34.39 19.53 -17.70
N THR B 109 34.94 19.11 -18.84
CA THR B 109 34.98 19.99 -19.99
C THR B 109 33.56 20.24 -20.49
N VAL B 110 33.39 21.37 -21.16
CA VAL B 110 32.09 21.75 -21.68
C VAL B 110 31.61 20.75 -22.74
N ALA B 111 30.33 20.42 -22.68
CA ALA B 111 29.72 19.53 -23.66
C ALA B 111 28.36 20.10 -24.03
N ALA B 112 28.16 20.36 -25.32
CA ALA B 112 26.88 20.90 -25.75
C ALA B 112 25.80 19.82 -25.71
N PRO B 113 24.56 20.19 -25.40
CA PRO B 113 23.47 19.21 -25.42
C PRO B 113 23.03 18.89 -26.85
N SER B 114 22.59 17.65 -27.03
CA SER B 114 21.81 17.25 -28.20
C SER B 114 20.34 17.49 -27.86
N VAL B 115 19.62 18.20 -28.72
CA VAL B 115 18.27 18.68 -28.42
C VAL B 115 17.25 17.92 -29.25
N PHE B 116 16.13 17.56 -28.62
CA PHE B 116 15.07 16.84 -29.28
C PHE B 116 13.73 17.38 -28.81
N ILE B 117 12.76 17.47 -29.72
CA ILE B 117 11.41 17.90 -29.35
C ILE B 117 10.43 16.79 -29.69
N PHE B 118 9.41 16.61 -28.83
CA PHE B 118 8.40 15.56 -29.01
C PHE B 118 7.00 16.16 -29.00
N PRO B 119 6.19 15.92 -30.01
CA PRO B 119 4.81 16.40 -29.99
C PRO B 119 3.96 15.53 -29.07
N PRO B 120 2.78 16.01 -28.69
CA PRO B 120 1.87 15.15 -27.93
C PRO B 120 1.39 13.98 -28.78
N SER B 121 1.21 12.84 -28.14
CA SER B 121 0.64 11.68 -28.81
C SER B 121 -0.84 11.88 -29.09
N ASP B 122 -1.34 11.20 -30.11
CA ASP B 122 -2.78 11.25 -30.37
C ASP B 122 -3.56 10.70 -29.20
N GLU B 123 -3.04 9.68 -28.51
N GLU B 123 -3.04 9.68 -28.51
CA GLU B 123 -3.77 9.11 -27.38
CA GLU B 123 -3.77 9.11 -27.39
C GLU B 123 -3.97 10.13 -26.28
C GLU B 123 -3.96 10.12 -26.26
N GLN B 124 -2.94 10.93 -25.98
CA GLN B 124 -3.08 11.96 -24.95
C GLN B 124 -4.10 13.03 -25.34
N LEU B 125 -4.09 13.43 -26.62
CA LEU B 125 -5.01 14.47 -27.05
C LEU B 125 -6.46 14.06 -26.85
N LYS B 126 -6.75 12.76 -26.97
CA LYS B 126 -8.09 12.24 -26.72
C LYS B 126 -8.53 12.51 -25.28
N SER B 127 -7.58 12.64 -24.35
N SER B 127 -7.58 12.64 -24.35
CA SER B 127 -7.90 12.93 -22.96
CA SER B 127 -7.91 12.92 -22.95
C SER B 127 -8.12 14.41 -22.67
C SER B 127 -8.16 14.40 -22.68
N GLY B 128 -7.86 15.29 -23.63
CA GLY B 128 -8.06 16.71 -23.46
C GLY B 128 -6.85 17.52 -23.04
N THR B 129 -5.69 16.89 -22.89
CA THR B 129 -4.48 17.62 -22.52
C THR B 129 -3.39 17.31 -23.54
N ALA B 130 -2.49 18.27 -23.74
CA ALA B 130 -1.40 18.11 -24.67
C ALA B 130 -0.09 18.45 -23.95
N SER B 131 0.85 17.51 -23.97
CA SER B 131 2.17 17.73 -23.42
C SER B 131 3.20 17.74 -24.54
N VAL B 132 4.02 18.79 -24.60
CA VAL B 132 5.11 18.91 -25.56
C VAL B 132 6.43 18.85 -24.78
N VAL B 133 7.36 17.99 -25.22
CA VAL B 133 8.55 17.69 -24.43
C VAL B 133 9.79 18.07 -25.23
N CYS B 134 10.71 18.78 -24.56
CA CYS B 134 12.00 19.13 -25.13
C CYS B 134 13.05 18.41 -24.30
N LEU B 135 13.96 17.70 -24.96
CA LEU B 135 15.01 16.94 -24.29
C LEU B 135 16.37 17.57 -24.61
N LEU B 136 17.18 17.83 -23.58
CA LEU B 136 18.58 18.23 -23.72
C LEU B 136 19.41 17.07 -23.20
N ASN B 137 20.18 16.43 -24.06
CA ASN B 137 20.84 15.18 -23.69
C ASN B 137 22.35 15.37 -23.54
N ASN B 138 22.90 14.88 -22.43
CA ASN B 138 24.33 14.69 -22.15
C ASN B 138 25.16 15.96 -22.36
N PHE B 139 24.95 16.91 -21.46
CA PHE B 139 25.66 18.19 -21.54
C PHE B 139 26.30 18.53 -20.19
N TYR B 140 27.19 19.51 -20.26
CA TYR B 140 27.87 20.09 -19.11
C TYR B 140 28.36 21.46 -19.51
N PRO B 141 28.21 22.48 -18.66
CA PRO B 141 27.67 22.45 -17.30
C PRO B 141 26.16 22.29 -17.21
N ARG B 142 25.65 22.14 -15.98
CA ARG B 142 24.22 21.90 -15.78
C ARG B 142 23.37 23.10 -16.19
N GLU B 143 23.91 24.32 -16.07
CA GLU B 143 23.13 25.51 -16.36
C GLU B 143 22.76 25.58 -17.83
N ALA B 144 21.48 25.85 -18.09
CA ALA B 144 20.98 25.96 -19.45
C ALA B 144 19.69 26.76 -19.43
N LYS B 145 19.38 27.40 -20.55
CA LYS B 145 18.16 28.18 -20.71
C LYS B 145 17.33 27.55 -21.82
N VAL B 146 16.11 27.15 -21.48
CA VAL B 146 15.21 26.52 -22.43
C VAL B 146 13.93 27.35 -22.48
N GLN B 147 13.62 27.87 -23.67
CA GLN B 147 12.46 28.72 -23.87
C GLN B 147 11.52 28.09 -24.88
N TRP B 148 10.23 28.12 -24.57
CA TRP B 148 9.19 27.60 -25.46
C TRP B 148 8.59 28.72 -26.29
N LYS B 149 8.43 28.47 -27.60
CA LYS B 149 7.79 29.40 -28.53
C LYS B 149 6.65 28.67 -29.23
N VAL B 150 5.44 29.25 -29.15
CA VAL B 150 4.28 28.69 -29.82
C VAL B 150 3.84 29.74 -30.82
N ASP B 151 3.98 29.43 -32.11
CA ASP B 151 3.76 30.41 -33.18
C ASP B 151 4.54 31.68 -32.91
N ASN B 152 5.79 31.51 -32.49
CA ASN B 152 6.76 32.57 -32.19
C ASN B 152 6.39 33.41 -30.99
N ALA B 153 5.44 32.98 -30.17
CA ALA B 153 5.10 33.66 -28.92
C ALA B 153 5.75 32.94 -27.76
N LEU B 154 6.53 33.68 -26.96
CA LEU B 154 7.22 33.11 -25.83
C LEU B 154 6.21 32.66 -24.77
N GLN B 155 6.42 31.45 -24.24
CA GLN B 155 5.55 30.88 -23.22
C GLN B 155 6.08 31.20 -21.83
N SER B 156 5.16 31.42 -20.89
CA SER B 156 5.50 31.64 -19.48
C SER B 156 4.44 30.99 -18.61
N GLY B 157 4.88 30.33 -17.54
CA GLY B 157 3.99 29.78 -16.53
C GLY B 157 3.31 28.48 -16.88
N ASN B 158 3.74 27.79 -17.94
CA ASN B 158 3.10 26.53 -18.34
C ASN B 158 4.12 25.44 -18.68
N SER B 159 5.36 25.55 -18.21
CA SER B 159 6.37 24.53 -18.44
C SER B 159 7.11 24.22 -17.15
N GLN B 160 7.56 22.96 -17.02
CA GLN B 160 8.35 22.50 -15.88
C GLN B 160 9.58 21.76 -16.39
N GLU B 161 10.69 21.91 -15.67
CA GLU B 161 11.95 21.27 -16.00
C GLU B 161 12.28 20.19 -14.98
N SER B 162 12.99 19.16 -15.44
CA SER B 162 13.57 18.17 -14.56
C SER B 162 14.98 17.86 -15.05
N VAL B 163 15.91 17.63 -14.12
N VAL B 163 15.90 17.61 -14.12
CA VAL B 163 17.30 17.37 -14.46
CA VAL B 163 17.29 17.35 -14.44
C VAL B 163 17.75 16.07 -13.80
C VAL B 163 17.70 16.03 -13.82
N THR B 164 18.47 15.24 -14.56
CA THR B 164 19.00 14.01 -14.00
C THR B 164 20.16 14.32 -13.04
N GLU B 165 20.51 13.33 -12.22
CA GLU B 165 21.73 13.44 -11.45
C GLU B 165 22.94 13.33 -12.37
N GLN B 166 24.09 13.82 -11.90
CA GLN B 166 25.26 13.78 -12.75
C GLN B 166 25.63 12.34 -13.11
N ASP B 167 25.92 12.11 -14.38
CA ASP B 167 26.21 10.76 -14.85
C ASP B 167 27.51 10.23 -14.26
N SER B 168 27.50 8.98 -13.84
CA SER B 168 28.70 8.37 -13.28
C SER B 168 29.76 8.11 -14.34
N LYS B 169 29.35 7.88 -15.58
CA LYS B 169 30.31 7.51 -16.62
C LYS B 169 31.03 8.73 -17.20
N ASP B 170 30.28 9.76 -17.61
CA ASP B 170 30.88 10.90 -18.30
C ASP B 170 30.60 12.26 -17.63
N SER B 171 30.07 12.26 -16.41
CA SER B 171 29.88 13.48 -15.62
C SER B 171 28.95 14.51 -16.30
N THR B 172 28.05 14.06 -17.16
CA THR B 172 27.13 14.99 -17.82
C THR B 172 25.76 14.96 -17.17
N TYR B 173 24.90 15.87 -17.64
CA TYR B 173 23.52 16.00 -17.22
C TYR B 173 22.59 15.85 -18.42
N SER B 174 21.35 15.47 -18.15
CA SER B 174 20.31 15.58 -19.17
C SER B 174 19.13 16.34 -18.55
N LEU B 175 18.35 17.00 -19.39
CA LEU B 175 17.28 17.86 -18.89
C LEU B 175 16.04 17.70 -19.76
N SER B 176 14.88 17.70 -19.14
CA SER B 176 13.61 17.73 -19.87
C SER B 176 12.88 19.01 -19.53
N SER B 177 12.21 19.58 -20.52
CA SER B 177 11.27 20.67 -20.30
C SER B 177 9.95 20.25 -20.92
N THR B 178 8.88 20.39 -20.15
CA THR B 178 7.58 19.89 -20.57
C THR B 178 6.59 21.03 -20.58
N LEU B 179 6.03 21.29 -21.76
CA LEU B 179 5.01 22.31 -21.94
C LEU B 179 3.63 21.66 -21.89
N THR B 180 2.74 22.20 -21.06
CA THR B 180 1.38 21.68 -20.93
C THR B 180 0.37 22.69 -21.44
N LEU B 181 -0.47 22.25 -22.38
CA LEU B 181 -1.53 23.06 -22.96
C LEU B 181 -2.82 22.25 -22.96
N SER B 182 -3.95 22.95 -23.06
CA SER B 182 -5.19 22.24 -23.30
C SER B 182 -5.21 21.69 -24.74
N LYS B 183 -6.05 20.69 -24.96
CA LYS B 183 -6.23 20.16 -26.31
C LYS B 183 -6.72 21.26 -27.27
N ALA B 184 -7.62 22.13 -26.82
CA ALA B 184 -8.13 23.19 -27.69
C ALA B 184 -7.02 24.18 -28.05
N ALA B 185 -6.17 24.54 -27.09
CA ALA B 185 -5.08 25.45 -27.40
C ALA B 185 -4.07 24.80 -28.32
N TYR B 186 -3.79 23.50 -28.12
CA TYR B 186 -2.82 22.81 -28.96
C TYR B 186 -3.28 22.75 -30.41
N GLU B 187 -4.59 22.54 -30.64
CA GLU B 187 -5.10 22.42 -32.00
C GLU B 187 -5.28 23.77 -32.69
N LYS B 188 -5.25 24.87 -31.94
CA LYS B 188 -5.36 26.18 -32.56
C LYS B 188 -4.05 26.63 -33.18
N HIS B 189 -2.92 26.25 -32.58
CA HIS B 189 -1.61 26.71 -33.00
C HIS B 189 -0.95 25.71 -33.94
N LYS B 190 0.12 26.18 -34.59
CA LYS B 190 0.82 25.38 -35.60
C LYS B 190 2.27 25.10 -35.24
N VAL B 191 3.07 26.13 -34.96
CA VAL B 191 4.52 25.97 -34.82
C VAL B 191 4.87 25.85 -33.34
N TYR B 192 5.52 24.74 -32.96
CA TYR B 192 5.97 24.50 -31.59
C TYR B 192 7.48 24.40 -31.58
N ALA B 193 8.13 25.26 -30.80
CA ALA B 193 9.59 25.34 -30.84
C ALA B 193 10.16 25.45 -29.43
N CYS B 194 11.32 24.83 -29.27
N CYS B 194 11.27 24.75 -29.18
CA CYS B 194 12.10 24.87 -28.04
CA CYS B 194 12.05 24.96 -27.97
C CYS B 194 13.47 25.46 -28.39
C CYS B 194 13.43 25.46 -28.36
N GLU B 195 13.82 26.58 -27.76
CA GLU B 195 15.07 27.28 -28.05
C GLU B 195 16.03 27.06 -26.89
N VAL B 196 17.22 26.57 -27.18
CA VAL B 196 18.15 26.11 -26.15
C VAL B 196 19.41 26.97 -26.23
N THR B 197 19.79 27.56 -25.09
CA THR B 197 21.01 28.31 -24.93
C THR B 197 21.93 27.59 -23.94
N HIS B 198 23.19 27.39 -24.33
CA HIS B 198 24.15 26.66 -23.49
C HIS B 198 25.55 27.09 -23.89
N GLN B 199 26.47 27.00 -22.91
CA GLN B 199 27.85 27.42 -23.14
C GLN B 199 28.52 26.61 -24.24
N GLY B 200 28.13 25.35 -24.43
CA GLY B 200 28.71 24.55 -25.50
C GLY B 200 28.20 24.89 -26.89
N LEU B 201 27.22 25.78 -27.01
CA LEU B 201 26.60 26.13 -28.29
C LEU B 201 26.98 27.54 -28.68
N SER B 202 27.53 27.70 -29.88
CA SER B 202 27.97 29.03 -30.32
C SER B 202 26.79 29.98 -30.45
N SER B 203 25.65 29.46 -30.86
CA SER B 203 24.41 30.20 -31.01
C SER B 203 23.29 29.31 -30.49
N PRO B 204 22.16 29.90 -30.09
CA PRO B 204 21.06 29.07 -29.58
C PRO B 204 20.59 28.09 -30.64
N VAL B 205 20.17 26.91 -30.16
CA VAL B 205 19.65 25.85 -30.99
C VAL B 205 18.14 25.80 -30.82
N THR B 206 17.42 25.72 -31.93
CA THR B 206 15.97 25.62 -31.91
C THR B 206 15.55 24.32 -32.57
N LYS B 207 14.74 23.54 -31.88
CA LYS B 207 14.09 22.39 -32.49
C LYS B 207 12.60 22.66 -32.51
N SER B 208 11.95 22.35 -33.63
CA SER B 208 10.55 22.68 -33.76
C SER B 208 9.82 21.65 -34.61
N PHE B 209 8.49 21.65 -34.47
CA PHE B 209 7.62 20.89 -35.36
C PHE B 209 6.37 21.71 -35.65
N ASN B 210 5.73 21.39 -36.78
CA ASN B 210 4.43 21.94 -37.12
C ASN B 210 3.36 20.89 -36.83
N ARG B 211 2.34 21.28 -36.07
CA ARG B 211 1.28 20.34 -35.69
C ARG B 211 0.66 19.71 -36.94
N GLY B 212 0.56 18.38 -36.93
CA GLY B 212 -0.07 17.67 -38.02
C GLY B 212 0.82 17.38 -39.21
N GLU B 213 2.09 17.79 -39.21
CA GLU B 213 2.95 17.56 -40.36
C GLU B 213 4.07 16.59 -40.05
N GLU C 1 0.97 -14.05 28.34
CA GLU C 1 -0.10 -14.30 27.38
C GLU C 1 0.47 -14.43 25.98
N VAL C 2 0.06 -15.47 25.27
CA VAL C 2 0.56 -15.73 23.92
C VAL C 2 -0.11 -14.78 22.94
N GLN C 3 0.68 -14.22 22.03
CA GLN C 3 0.17 -13.41 20.92
C GLN C 3 0.91 -13.78 19.65
N LEU C 4 0.20 -13.79 18.52
CA LEU C 4 0.79 -13.91 17.20
C LEU C 4 0.26 -12.77 16.37
N VAL C 5 1.14 -12.02 15.70
CA VAL C 5 0.75 -10.82 14.94
C VAL C 5 1.32 -10.89 13.53
N GLU C 6 0.43 -11.01 12.54
CA GLU C 6 0.85 -11.03 11.14
C GLU C 6 1.02 -9.62 10.59
N SER C 7 1.90 -9.49 9.60
CA SER C 7 2.01 -8.25 8.85
C SER C 7 2.52 -8.56 7.46
N GLY C 8 2.39 -7.58 6.57
CA GLY C 8 2.96 -7.68 5.24
C GLY C 8 1.98 -7.91 4.11
N GLY C 9 0.70 -8.07 4.41
CA GLY C 9 -0.26 -8.27 3.34
C GLY C 9 -0.49 -7.01 2.52
N GLY C 10 -1.19 -7.20 1.41
CA GLY C 10 -1.55 -6.10 0.56
C GLY C 10 -1.96 -6.61 -0.80
N LEU C 11 -2.07 -5.67 -1.73
CA LEU C 11 -2.44 -5.97 -3.11
C LEU C 11 -1.16 -6.13 -3.94
N VAL C 12 -1.06 -7.23 -4.68
CA VAL C 12 0.12 -7.54 -5.49
C VAL C 12 -0.29 -8.09 -6.84
N GLN C 13 0.57 -7.88 -7.84
CA GLN C 13 0.29 -8.35 -9.20
C GLN C 13 0.43 -9.87 -9.30
N PRO C 14 -0.31 -10.50 -10.20
CA PRO C 14 -0.09 -11.93 -10.45
C PRO C 14 1.35 -12.13 -10.91
N GLY C 15 1.95 -13.23 -10.46
CA GLY C 15 3.36 -13.49 -10.77
C GLY C 15 4.35 -12.75 -9.88
N GLY C 16 3.88 -11.92 -8.95
CA GLY C 16 4.76 -11.15 -8.10
C GLY C 16 5.11 -11.86 -6.80
N SER C 17 5.78 -11.12 -5.93
CA SER C 17 6.31 -11.64 -4.67
C SER C 17 5.83 -10.81 -3.49
N LEU C 18 5.64 -11.47 -2.36
CA LEU C 18 5.28 -10.78 -1.13
C LEU C 18 5.81 -11.60 0.03
N ARG C 19 6.32 -10.93 1.07
N ARG C 19 6.31 -10.92 1.06
CA ARG C 19 6.80 -11.61 2.26
CA ARG C 19 6.80 -11.59 2.27
C ARG C 19 5.93 -11.22 3.45
C ARG C 19 5.91 -11.22 3.44
N LEU C 20 5.32 -12.22 4.07
CA LEU C 20 4.54 -12.01 5.29
C LEU C 20 5.43 -12.31 6.49
N SER C 21 5.14 -11.65 7.62
N SER C 21 5.14 -11.66 7.61
CA SER C 21 5.82 -11.89 8.88
CA SER C 21 5.85 -11.94 8.84
C SER C 21 4.81 -12.28 9.95
C SER C 21 4.84 -12.16 9.95
N CYS C 22 5.29 -12.97 10.98
N CYS C 22 5.13 -13.11 10.84
CA CYS C 22 4.46 -13.39 12.13
CA CYS C 22 4.42 -13.18 12.10
C CYS C 22 5.30 -13.21 13.39
C CYS C 22 5.39 -13.04 13.26
N ALA C 23 5.07 -12.13 14.15
CA ALA C 23 5.82 -11.89 15.37
C ALA C 23 5.12 -12.57 16.53
N ALA C 24 5.85 -13.40 17.28
CA ALA C 24 5.29 -14.12 18.41
C ALA C 24 5.67 -13.41 19.71
N SER C 25 4.72 -13.35 20.64
CA SER C 25 4.97 -12.78 21.95
C SER C 25 4.40 -13.71 23.00
N GLY C 26 4.99 -13.67 24.21
CA GLY C 26 4.54 -14.50 25.31
C GLY C 26 5.03 -15.93 25.28
N PHE C 27 5.78 -16.33 24.25
CA PHE C 27 6.43 -17.63 24.20
C PHE C 27 7.57 -17.54 23.20
N ASN C 28 8.41 -18.58 23.18
CA ASN C 28 9.54 -18.66 22.28
C ASN C 28 9.24 -19.64 21.16
N ILE C 29 9.37 -19.19 19.91
CA ILE C 29 9.03 -20.05 18.78
C ILE C 29 9.97 -21.22 18.65
N LYS C 30 11.08 -21.19 19.41
CA LYS C 30 11.98 -22.34 19.48
C LYS C 30 11.25 -23.58 19.97
N ASP C 31 10.30 -23.41 20.88
CA ASP C 31 9.66 -24.53 21.56
C ASP C 31 8.49 -25.14 20.78
N THR C 32 8.16 -24.61 19.60
CA THR C 32 6.90 -24.93 18.94
C THR C 32 7.12 -25.17 17.44
N TYR C 33 6.05 -25.56 16.78
CA TYR C 33 5.92 -25.44 15.33
C TYR C 33 5.08 -24.19 15.04
N ILE C 34 5.45 -23.46 14.00
CA ILE C 34 4.69 -22.30 13.52
C ILE C 34 4.12 -22.66 12.15
N HIS C 35 2.85 -22.30 11.92
CA HIS C 35 2.15 -22.64 10.68
C HIS C 35 1.66 -21.37 10.01
N TRP C 36 1.47 -21.46 8.70
CA TRP C 36 0.60 -20.52 7.98
C TRP C 36 -0.62 -21.28 7.50
N VAL C 37 -1.80 -20.71 7.71
CA VAL C 37 -3.09 -21.25 7.27
C VAL C 37 -3.84 -20.12 6.59
N ARG C 38 -4.45 -20.40 5.43
CA ARG C 38 -5.10 -19.32 4.68
C ARG C 38 -6.58 -19.60 4.44
N GLN C 39 -7.30 -18.53 4.11
CA GLN C 39 -8.73 -18.66 3.91
C GLN C 39 -9.13 -17.74 2.77
N ALA C 40 -9.44 -18.32 1.62
CA ALA C 40 -9.89 -17.52 0.49
C ALA C 40 -11.27 -16.93 0.78
N PRO C 41 -11.60 -15.76 0.18
CA PRO C 41 -12.87 -15.08 0.49
C PRO C 41 -14.05 -16.01 0.32
N GLY C 42 -14.81 -16.18 1.41
CA GLY C 42 -15.98 -17.04 1.42
C GLY C 42 -15.71 -18.52 1.43
N LYS C 43 -14.47 -18.96 1.65
CA LYS C 43 -14.11 -20.36 1.60
C LYS C 43 -13.67 -20.86 2.98
N GLY C 44 -13.28 -22.13 3.04
CA GLY C 44 -12.81 -22.76 4.24
C GLY C 44 -11.33 -22.53 4.49
N LEU C 45 -10.84 -23.18 5.54
CA LEU C 45 -9.44 -23.04 5.94
C LEU C 45 -8.56 -24.04 5.20
N GLU C 46 -7.36 -23.59 4.82
CA GLU C 46 -6.40 -24.43 4.11
C GLU C 46 -5.01 -24.25 4.71
N TRP C 47 -4.43 -25.34 5.22
CA TRP C 47 -3.06 -25.26 5.73
C TRP C 47 -2.09 -25.01 4.59
N VAL C 48 -1.09 -24.16 4.83
CA VAL C 48 -0.13 -23.74 3.81
C VAL C 48 1.26 -24.33 4.07
N ALA C 49 1.78 -24.15 5.28
CA ALA C 49 3.15 -24.59 5.54
C ALA C 49 3.40 -24.58 7.04
N ARG C 50 4.47 -25.26 7.45
CA ARG C 50 4.89 -25.28 8.85
C ARG C 50 6.41 -25.29 8.93
N ILE C 51 6.93 -24.77 10.04
CA ILE C 51 8.36 -24.82 10.31
C ILE C 51 8.58 -25.12 11.79
N TYR C 52 9.67 -25.84 12.07
CA TYR C 52 10.19 -26.07 13.40
C TYR C 52 11.41 -25.17 13.55
N PRO C 53 11.29 -23.99 14.19
CA PRO C 53 12.38 -23.00 14.09
C PRO C 53 13.70 -23.45 14.67
N THR C 54 13.71 -24.43 15.56
CA THR C 54 14.98 -24.82 16.17
C THR C 54 15.94 -25.42 15.15
N ASN C 55 15.45 -26.26 14.24
CA ASN C 55 16.32 -26.84 13.21
C ASN C 55 15.96 -26.39 11.81
N GLY C 56 14.90 -25.60 11.64
CA GLY C 56 14.50 -25.09 10.35
C GLY C 56 13.78 -26.07 9.45
N TYR C 57 13.40 -27.25 9.95
CA TYR C 57 12.72 -28.21 9.11
C TYR C 57 11.34 -27.68 8.73
N THR C 58 10.96 -27.89 7.47
CA THR C 58 9.75 -27.30 6.90
C THR C 58 8.91 -28.35 6.18
N ARG C 59 7.60 -28.07 6.08
CA ARG C 59 6.68 -28.85 5.27
C ARG C 59 5.72 -27.91 4.56
N TYR C 60 5.26 -28.29 3.38
CA TYR C 60 4.43 -27.43 2.54
C TYR C 60 3.22 -28.17 2.02
N ALA C 61 2.14 -27.43 1.80
CA ALA C 61 1.05 -27.95 0.99
C ALA C 61 1.50 -28.08 -0.46
N ASP C 62 0.96 -29.08 -1.16
CA ASP C 62 1.34 -29.32 -2.55
C ASP C 62 1.07 -28.12 -3.44
N SER C 63 0.02 -27.34 -3.14
CA SER C 63 -0.35 -26.20 -3.97
C SER C 63 0.65 -25.05 -3.91
N VAL C 64 1.51 -24.99 -2.88
CA VAL C 64 2.48 -23.91 -2.74
C VAL C 64 3.91 -24.42 -2.73
N LYS C 65 4.12 -25.73 -2.76
CA LYS C 65 5.47 -26.27 -2.73
C LYS C 65 6.25 -25.76 -3.92
N GLY C 66 7.48 -25.30 -3.66
CA GLY C 66 8.35 -24.74 -4.68
C GLY C 66 8.17 -23.26 -4.94
N ARG C 67 6.97 -22.71 -4.73
CA ARG C 67 6.69 -21.30 -4.92
C ARG C 67 6.82 -20.50 -3.62
N PHE C 68 6.47 -21.09 -2.48
CA PHE C 68 6.49 -20.40 -1.20
C PHE C 68 7.65 -20.94 -0.37
N THR C 69 8.20 -20.10 0.50
CA THR C 69 9.23 -20.54 1.43
C THR C 69 8.85 -20.06 2.82
N ILE C 70 8.74 -20.99 3.77
CA ILE C 70 8.52 -20.61 5.15
C ILE C 70 9.87 -20.61 5.85
N SER C 71 10.09 -19.61 6.72
CA SER C 71 11.38 -19.51 7.41
C SER C 71 11.14 -18.89 8.78
N ALA C 72 12.19 -18.90 9.61
CA ALA C 72 12.02 -18.29 10.92
C ALA C 72 13.36 -17.79 11.42
N ASP C 73 13.32 -16.80 12.30
CA ASP C 73 14.51 -16.24 12.93
C ASP C 73 14.23 -16.26 14.44
N THR C 74 14.83 -17.22 15.15
CA THR C 74 14.55 -17.34 16.58
C THR C 74 15.04 -16.11 17.35
N SER C 75 16.09 -15.44 16.87
CA SER C 75 16.58 -14.26 17.55
C SER C 75 15.63 -13.07 17.39
N LYS C 76 14.70 -13.12 16.45
CA LYS C 76 13.65 -12.13 16.34
C LYS C 76 12.29 -12.69 16.77
N ASN C 77 12.23 -13.95 17.20
CA ASN C 77 10.97 -14.61 17.58
C ASN C 77 9.90 -14.41 16.52
N THR C 78 10.30 -14.49 15.26
CA THR C 78 9.41 -14.13 14.16
C THR C 78 9.55 -15.17 13.07
N ALA C 79 8.44 -15.53 12.45
CA ALA C 79 8.45 -16.43 11.31
C ALA C 79 8.02 -15.66 10.07
N TYR C 80 8.31 -16.23 8.90
CA TYR C 80 8.09 -15.53 7.64
C TYR C 80 7.47 -16.49 6.64
N LEU C 81 6.69 -15.94 5.71
CA LEU C 81 6.23 -16.68 4.55
C LEU C 81 6.59 -15.84 3.33
N GLN C 82 7.59 -16.29 2.58
CA GLN C 82 7.97 -15.67 1.31
C GLN C 82 7.13 -16.29 0.20
N MET C 83 6.26 -15.50 -0.39
CA MET C 83 5.37 -15.97 -1.44
C MET C 83 5.85 -15.47 -2.79
N ASN C 84 6.03 -16.38 -3.73
CA ASN C 84 6.47 -16.04 -5.08
C ASN C 84 5.52 -16.66 -6.09
N SER C 85 5.66 -16.26 -7.36
CA SER C 85 4.81 -16.75 -8.44
C SER C 85 3.34 -16.72 -8.03
N LEU C 86 2.95 -15.60 -7.43
CA LEU C 86 1.62 -15.48 -6.88
C LEU C 86 0.55 -15.55 -7.98
N ARG C 87 -0.55 -16.23 -7.66
CA ARG C 87 -1.67 -16.39 -8.57
C ARG C 87 -2.93 -15.88 -7.89
N ALA C 88 -3.96 -15.62 -8.70
CA ALA C 88 -5.23 -15.19 -8.13
C ALA C 88 -5.75 -16.20 -7.11
N GLU C 89 -5.52 -17.50 -7.34
CA GLU C 89 -5.88 -18.54 -6.39
C GLU C 89 -5.29 -18.31 -5.01
N ASP C 90 -4.19 -17.55 -4.90
CA ASP C 90 -3.55 -17.32 -3.62
C ASP C 90 -4.17 -16.19 -2.83
N THR C 91 -5.14 -15.47 -3.42
CA THR C 91 -5.86 -14.42 -2.69
C THR C 91 -6.57 -15.01 -1.48
N ALA C 92 -6.29 -14.48 -0.30
CA ALA C 92 -6.78 -15.08 0.94
C ALA C 92 -6.38 -14.22 2.13
N VAL C 93 -7.05 -14.43 3.24
CA VAL C 93 -6.52 -14.00 4.53
C VAL C 93 -5.50 -15.03 4.98
N TYR C 94 -4.27 -14.58 5.29
CA TYR C 94 -3.21 -15.48 5.72
C TYR C 94 -3.09 -15.39 7.25
N TYR C 95 -3.28 -16.52 7.92
CA TYR C 95 -3.15 -16.63 9.37
C TYR C 95 -1.87 -17.35 9.73
N CYS C 96 -1.21 -16.84 10.77
N CYS C 96 -1.22 -16.89 10.78
CA CYS C 96 -0.17 -17.54 11.49
CA CYS C 96 -0.17 -17.68 11.40
C CYS C 96 -0.77 -18.27 12.69
C CYS C 96 -0.71 -18.32 12.67
N SER C 97 -0.30 -19.49 12.93
N SER C 97 -0.33 -19.58 12.90
CA SER C 97 -0.73 -20.28 14.08
CA SER C 97 -0.73 -20.28 14.10
C SER C 97 0.44 -21.10 14.59
C SER C 97 0.41 -21.14 14.57
N ARG C 98 0.25 -21.77 15.72
CA ARG C 98 1.28 -22.61 16.29
C ARG C 98 0.64 -23.92 16.71
N TRP C 99 1.46 -24.98 16.74
CA TRP C 99 1.08 -26.17 17.47
C TRP C 99 1.41 -25.96 18.94
N GLY C 100 0.58 -26.53 19.79
CA GLY C 100 0.81 -26.38 21.21
C GLY C 100 2.18 -26.85 21.66
N GLY C 101 2.66 -27.95 21.10
CA GLY C 101 3.91 -28.54 21.54
C GLY C 101 3.73 -29.45 22.73
N ASP C 102 4.84 -30.07 23.14
CA ASP C 102 4.91 -31.03 24.25
C ASP C 102 3.71 -32.00 24.22
N GLY C 103 3.50 -32.58 23.05
CA GLY C 103 2.41 -33.51 22.84
C GLY C 103 1.09 -32.90 22.40
N PHE C 104 1.01 -31.57 22.32
CA PHE C 104 -0.23 -30.87 21.97
C PHE C 104 -0.11 -30.41 20.53
N TYR C 105 -0.93 -30.98 19.64
CA TYR C 105 -0.81 -30.69 18.22
C TYR C 105 -2.05 -30.03 17.63
N ALA C 106 -2.91 -29.47 18.48
CA ALA C 106 -3.94 -28.57 18.00
C ALA C 106 -3.39 -27.14 17.92
N MET C 107 -4.03 -26.32 17.11
CA MET C 107 -3.61 -24.93 16.91
C MET C 107 -4.33 -24.06 17.94
N ASP C 108 -3.64 -23.77 19.04
CA ASP C 108 -4.31 -23.10 20.15
C ASP C 108 -4.32 -21.58 20.01
N TYR C 109 -3.30 -20.99 19.40
CA TYR C 109 -3.26 -19.56 19.19
C TYR C 109 -3.11 -19.22 17.71
N TRP C 110 -3.84 -18.19 17.28
CA TRP C 110 -3.86 -17.69 15.91
C TRP C 110 -3.67 -16.18 15.94
N GLY C 111 -3.10 -15.64 14.87
CA GLY C 111 -3.14 -14.20 14.66
C GLY C 111 -4.48 -13.77 14.08
N GLN C 112 -4.64 -12.45 13.94
CA GLN C 112 -5.87 -11.91 13.34
C GLN C 112 -5.90 -12.06 11.82
N GLY C 113 -4.76 -12.40 11.21
CA GLY C 113 -4.68 -12.60 9.78
C GLY C 113 -4.27 -11.34 9.04
N THR C 114 -3.72 -11.55 7.84
CA THR C 114 -3.34 -10.45 6.95
C THR C 114 -3.87 -10.78 5.56
N LEU C 115 -4.56 -9.81 4.95
CA LEU C 115 -5.23 -10.05 3.67
C LEU C 115 -4.25 -9.85 2.52
N VAL C 116 -4.18 -10.85 1.64
CA VAL C 116 -3.35 -10.82 0.43
C VAL C 116 -4.27 -10.90 -0.78
N THR C 117 -4.22 -9.89 -1.65
CA THR C 117 -5.05 -9.85 -2.85
C THR C 117 -4.13 -9.88 -4.06
N VAL C 118 -4.28 -10.88 -4.91
CA VAL C 118 -3.48 -11.03 -6.10
C VAL C 118 -4.36 -10.67 -7.30
N SER C 119 -4.06 -9.54 -7.94
CA SER C 119 -4.90 -9.02 -9.03
C SER C 119 -4.08 -8.06 -9.87
N SER C 120 -4.39 -7.99 -11.17
CA SER C 120 -3.76 -6.99 -12.03
C SER C 120 -4.52 -5.67 -12.04
N ALA C 121 -5.65 -5.58 -11.36
CA ALA C 121 -6.43 -4.35 -11.36
C ALA C 121 -5.82 -3.30 -10.44
N SER C 122 -5.91 -2.04 -10.85
CA SER C 122 -5.37 -0.95 -10.05
C SER C 122 -6.28 -0.60 -8.89
N THR C 123 -5.68 -0.02 -7.85
CA THR C 123 -6.48 0.54 -6.77
C THR C 123 -7.40 1.62 -7.32
N LYS C 124 -8.57 1.76 -6.68
CA LYS C 124 -9.50 2.81 -7.04
C LYS C 124 -10.37 3.12 -5.83
N GLY C 125 -10.48 4.38 -5.46
CA GLY C 125 -11.35 4.78 -4.38
C GLY C 125 -12.81 4.85 -4.79
N PRO C 126 -13.71 4.71 -3.83
CA PRO C 126 -15.15 4.71 -4.15
C PRO C 126 -15.71 6.11 -4.35
N SER C 127 -16.81 6.16 -5.10
CA SER C 127 -17.71 7.29 -5.07
C SER C 127 -18.80 6.99 -4.04
N VAL C 128 -19.21 8.00 -3.28
CA VAL C 128 -20.18 7.83 -2.21
C VAL C 128 -21.42 8.66 -2.55
N PHE C 129 -22.55 7.98 -2.66
CA PHE C 129 -23.80 8.65 -3.02
C PHE C 129 -24.87 8.46 -1.94
N PRO C 130 -25.71 9.46 -1.71
CA PRO C 130 -26.73 9.33 -0.67
C PRO C 130 -27.87 8.41 -1.08
N LEU C 131 -28.36 7.65 -0.11
CA LEU C 131 -29.64 6.96 -0.22
C LEU C 131 -30.62 7.80 0.59
N ALA C 132 -31.31 8.74 -0.11
CA ALA C 132 -32.07 9.79 0.59
C ALA C 132 -33.39 9.22 1.13
N PRO C 133 -33.77 9.60 2.36
CA PRO C 133 -35.01 9.13 2.99
C PRO C 133 -36.27 9.64 2.29
N THR C 142 -40.78 5.04 11.65
CA THR C 142 -39.38 4.69 11.39
C THR C 142 -39.03 4.89 9.91
N ALA C 143 -37.92 5.58 9.63
CA ALA C 143 -37.49 5.86 8.28
C ALA C 143 -36.10 5.27 8.04
N ALA C 144 -35.79 4.98 6.78
CA ALA C 144 -34.49 4.43 6.41
C ALA C 144 -33.74 5.38 5.49
N LEU C 145 -32.43 5.44 5.68
CA LEU C 145 -31.53 6.22 4.84
C LEU C 145 -30.20 5.49 4.78
N GLY C 146 -29.33 5.92 3.89
CA GLY C 146 -28.04 5.27 3.79
C GLY C 146 -27.08 5.94 2.83
N CYS C 147 -25.99 5.23 2.53
N CYS C 147 -26.06 5.18 2.44
CA CYS C 147 -24.98 5.67 1.56
CA CYS C 147 -25.02 5.65 1.55
C CYS C 147 -24.64 4.51 0.63
C CYS C 147 -24.62 4.51 0.62
N LEU C 148 -24.48 4.83 -0.66
CA LEU C 148 -24.04 3.87 -1.65
C LEU C 148 -22.56 4.11 -1.89
N VAL C 149 -21.74 3.09 -1.66
CA VAL C 149 -20.30 3.17 -1.76
C VAL C 149 -19.90 2.37 -2.99
N LYS C 150 -19.68 3.04 -4.11
CA LYS C 150 -19.65 2.39 -5.41
C LYS C 150 -18.27 2.47 -6.06
N ASP C 151 -17.87 1.38 -6.71
CA ASP C 151 -16.74 1.32 -7.66
C ASP C 151 -15.38 1.51 -7.01
N TYR C 152 -14.99 0.58 -6.14
CA TYR C 152 -13.70 0.65 -5.49
C TYR C 152 -12.99 -0.69 -5.64
N PHE C 153 -11.67 -0.64 -5.43
CA PHE C 153 -10.87 -1.85 -5.49
C PHE C 153 -9.56 -1.54 -4.81
N PRO C 154 -9.01 -2.45 -4.01
CA PRO C 154 -9.57 -3.73 -3.60
C PRO C 154 -10.42 -3.57 -2.32
N GLU C 155 -10.85 -4.68 -1.74
CA GLU C 155 -11.36 -4.66 -0.37
C GLU C 155 -10.21 -4.32 0.57
N PRO C 156 -10.50 -3.82 1.78
CA PRO C 156 -11.84 -3.53 2.31
C PRO C 156 -12.13 -2.05 2.41
N VAL C 157 -13.38 -1.73 2.70
N VAL C 157 -13.39 -1.72 2.74
CA VAL C 157 -13.81 -0.39 3.08
CA VAL C 157 -13.81 -0.37 3.06
C VAL C 157 -14.47 -0.47 4.44
C VAL C 157 -14.57 -0.43 4.39
N THR C 158 -14.44 0.63 5.17
CA THR C 158 -15.18 0.75 6.42
C THR C 158 -16.18 1.89 6.30
N VAL C 159 -17.33 1.74 6.96
CA VAL C 159 -18.34 2.78 6.99
C VAL C 159 -18.77 2.97 8.44
N SER C 160 -18.86 4.22 8.87
CA SER C 160 -19.47 4.56 10.15
C SER C 160 -20.51 5.65 9.90
N TRP C 161 -21.30 5.95 10.93
CA TRP C 161 -22.32 6.98 10.85
C TRP C 161 -22.10 7.99 11.97
N ASN C 162 -22.11 9.27 11.60
CA ASN C 162 -21.95 10.36 12.56
C ASN C 162 -20.72 10.15 13.44
N SER C 163 -19.64 9.65 12.81
CA SER C 163 -18.36 9.41 13.50
C SER C 163 -18.55 8.50 14.73
N GLY C 164 -19.22 7.36 14.52
CA GLY C 164 -19.39 6.38 15.56
C GLY C 164 -20.50 6.64 16.56
N ALA C 165 -21.10 7.83 16.57
CA ALA C 165 -22.15 8.11 17.54
C ALA C 165 -23.42 7.31 17.24
N LEU C 166 -23.66 6.98 15.98
CA LEU C 166 -24.87 6.28 15.57
C LEU C 166 -24.50 4.84 15.21
N THR C 167 -24.91 3.90 16.06
CA THR C 167 -24.59 2.48 15.85
C THR C 167 -25.84 1.61 15.84
N SER C 168 -26.82 1.91 16.69
CA SER C 168 -28.03 1.12 16.73
C SER C 168 -28.78 1.26 15.41
N GLY C 169 -29.20 0.12 14.85
CA GLY C 169 -29.97 0.12 13.62
C GLY C 169 -29.18 0.23 12.35
N VAL C 170 -27.85 0.25 12.41
CA VAL C 170 -27.03 0.34 11.21
C VAL C 170 -26.82 -1.05 10.63
N HIS C 171 -26.95 -1.16 9.32
CA HIS C 171 -26.59 -2.36 8.58
C HIS C 171 -25.66 -1.97 7.44
N THR C 172 -24.41 -2.39 7.54
CA THR C 172 -23.45 -2.16 6.46
C THR C 172 -23.27 -3.47 5.71
N PHE C 173 -23.69 -3.49 4.46
CA PHE C 173 -23.78 -4.74 3.73
C PHE C 173 -22.42 -5.21 3.26
N PRO C 174 -22.23 -6.53 3.17
CA PRO C 174 -21.01 -7.05 2.52
C PRO C 174 -20.91 -6.54 1.09
N ALA C 175 -19.69 -6.23 0.66
CA ALA C 175 -19.49 -5.78 -0.70
C ALA C 175 -19.84 -6.87 -1.69
N VAL C 176 -20.29 -6.45 -2.87
CA VAL C 176 -20.46 -7.37 -3.98
C VAL C 176 -19.55 -6.90 -5.10
N LEU C 177 -18.96 -7.86 -5.80
CA LEU C 177 -18.15 -7.56 -6.96
C LEU C 177 -19.06 -7.39 -8.18
N GLN C 178 -19.00 -6.22 -8.81
CA GLN C 178 -19.80 -5.88 -9.96
C GLN C 178 -19.20 -6.49 -11.22
N SER C 179 -20.00 -6.51 -12.30
CA SER C 179 -19.51 -7.05 -13.57
C SER C 179 -18.30 -6.28 -14.08
N SER C 180 -18.14 -5.02 -13.68
CA SER C 180 -16.96 -4.23 -14.05
C SER C 180 -15.70 -4.70 -13.36
N GLY C 181 -15.80 -5.53 -12.33
CA GLY C 181 -14.62 -5.90 -11.57
C GLY C 181 -14.32 -4.97 -10.41
N LEU C 182 -15.20 -4.01 -10.14
CA LEU C 182 -15.11 -3.11 -8.98
C LEU C 182 -16.15 -3.50 -7.93
N TYR C 183 -15.83 -3.23 -6.68
CA TYR C 183 -16.77 -3.56 -5.61
C TYR C 183 -17.74 -2.42 -5.37
N SER C 184 -18.87 -2.78 -4.74
CA SER C 184 -19.85 -1.79 -4.36
C SER C 184 -20.55 -2.32 -3.11
N LEU C 185 -20.92 -1.42 -2.21
CA LEU C 185 -21.78 -1.80 -1.09
C LEU C 185 -22.62 -0.60 -0.67
N SER C 186 -23.65 -0.88 0.13
CA SER C 186 -24.45 0.15 0.78
C SER C 186 -24.38 -0.01 2.29
N SER C 187 -24.54 1.10 2.99
CA SER C 187 -24.75 1.11 4.42
C SER C 187 -26.04 1.86 4.67
N VAL C 188 -26.92 1.28 5.49
CA VAL C 188 -28.22 1.89 5.80
C VAL C 188 -28.40 1.94 7.31
N VAL C 189 -29.36 2.75 7.72
CA VAL C 189 -29.76 2.87 9.12
C VAL C 189 -31.22 3.28 9.17
N THR C 190 -31.95 2.75 10.13
CA THR C 190 -33.32 3.17 10.38
C THR C 190 -33.33 4.13 11.56
N VAL C 191 -34.03 5.25 11.39
CA VAL C 191 -34.06 6.30 12.40
C VAL C 191 -35.51 6.76 12.60
N PRO C 192 -35.82 7.48 13.66
CA PRO C 192 -37.16 8.06 13.80
C PRO C 192 -37.47 9.00 12.65
N SER C 193 -38.68 8.87 12.10
CA SER C 193 -39.07 9.69 10.97
C SER C 193 -39.09 11.18 11.32
N SER C 194 -39.40 11.51 12.58
CA SER C 194 -39.44 12.91 12.99
C SER C 194 -38.06 13.55 12.99
N SER C 195 -36.99 12.74 13.06
CA SER C 195 -35.64 13.29 13.12
C SER C 195 -35.17 13.84 11.79
N LEU C 196 -35.86 13.48 10.70
CA LEU C 196 -35.46 13.97 9.39
C LEU C 196 -35.65 15.47 9.29
N GLY C 197 -34.68 16.14 8.69
CA GLY C 197 -34.73 17.59 8.55
C GLY C 197 -34.12 18.37 9.70
N THR C 198 -33.91 17.75 10.85
CA THR C 198 -33.27 18.40 11.98
C THR C 198 -31.99 17.71 12.41
N GLN C 199 -32.04 16.40 12.65
CA GLN C 199 -30.82 15.65 12.96
C GLN C 199 -30.00 15.45 11.69
N THR C 200 -28.68 15.59 11.82
CA THR C 200 -27.76 15.44 10.71
C THR C 200 -27.24 14.00 10.66
N TYR C 201 -27.24 13.42 9.47
CA TYR C 201 -26.76 12.07 9.27
C TYR C 201 -25.63 12.10 8.25
N ILE C 202 -24.43 11.72 8.69
CA ILE C 202 -23.23 11.70 7.87
C ILE C 202 -22.67 10.29 7.92
N CYS C 203 -22.44 9.70 6.74
N CYS C 203 -22.38 9.75 6.74
CA CYS C 203 -21.71 8.44 6.63
CA CYS C 203 -21.70 8.46 6.62
C CYS C 203 -20.22 8.73 6.39
C CYS C 203 -20.22 8.68 6.34
N ASN C 204 -19.37 8.05 7.14
CA ASN C 204 -17.92 8.22 7.06
C ASN C 204 -17.35 6.98 6.39
N VAL C 205 -16.80 7.14 5.20
CA VAL C 205 -16.31 6.03 4.38
C VAL C 205 -14.79 6.12 4.34
N ASN C 206 -14.12 5.01 4.59
CA ASN C 206 -12.66 4.99 4.59
C ASN C 206 -12.23 3.83 3.72
N HIS C 207 -11.44 4.11 2.67
CA HIS C 207 -10.89 3.10 1.78
C HIS C 207 -9.39 3.24 1.86
N LYS C 208 -8.79 2.60 2.87
N LYS C 208 -8.80 2.60 2.87
CA LYS C 208 -7.36 2.74 3.08
CA LYS C 208 -7.36 2.74 3.08
C LYS C 208 -6.50 2.32 1.89
C LYS C 208 -6.51 2.32 1.89
N PRO C 209 -6.82 1.25 1.14
CA PRO C 209 -5.94 0.89 0.00
C PRO C 209 -5.72 2.01 -1.00
N SER C 210 -6.69 2.89 -1.19
CA SER C 210 -6.51 4.05 -2.06
C SER C 210 -6.33 5.36 -1.31
N ASN C 211 -6.21 5.31 0.02
CA ASN C 211 -6.10 6.53 0.84
C ASN C 211 -7.28 7.47 0.59
N THR C 212 -8.45 6.91 0.41
CA THR C 212 -9.63 7.72 0.17
C THR C 212 -10.46 7.78 1.45
N LYS C 213 -10.80 9.00 1.87
CA LYS C 213 -11.66 9.22 3.02
C LYS C 213 -12.76 10.20 2.60
N VAL C 214 -14.03 9.77 2.71
CA VAL C 214 -15.18 10.56 2.27
C VAL C 214 -16.20 10.61 3.40
N ASP C 215 -16.66 11.82 3.73
CA ASP C 215 -17.79 12.03 4.61
C ASP C 215 -18.95 12.57 3.76
N LYS C 216 -20.08 11.87 3.79
CA LYS C 216 -21.22 12.21 2.93
C LYS C 216 -22.45 12.49 3.79
N LYS C 217 -22.99 13.69 3.66
CA LYS C 217 -24.21 14.05 4.36
C LYS C 217 -25.40 13.51 3.58
N VAL C 218 -26.32 12.86 4.29
CA VAL C 218 -27.53 12.30 3.71
C VAL C 218 -28.72 13.04 4.30
N GLU C 219 -29.47 13.73 3.46
CA GLU C 219 -30.60 14.53 3.89
C GLU C 219 -31.80 14.27 2.97
N PRO C 220 -33.02 14.60 3.43
CA PRO C 220 -34.18 14.53 2.52
C PRO C 220 -34.02 15.47 1.32
N ASP D 1 -3.05 -37.63 1.73
CA ASP D 1 -3.87 -36.64 2.39
C ASP D 1 -5.10 -37.27 3.01
N ILE D 2 -5.20 -37.25 4.34
CA ILE D 2 -6.41 -37.71 5.01
C ILE D 2 -7.46 -36.61 4.86
N GLN D 3 -8.65 -36.98 4.39
CA GLN D 3 -9.72 -36.02 4.16
C GLN D 3 -10.74 -36.09 5.29
N MET D 4 -11.33 -34.94 5.59
CA MET D 4 -12.32 -34.82 6.67
C MET D 4 -13.64 -34.41 6.05
N THR D 5 -14.62 -35.32 6.04
CA THR D 5 -15.91 -35.09 5.41
C THR D 5 -16.90 -34.62 6.47
N GLN D 6 -17.25 -33.33 6.42
CA GLN D 6 -18.04 -32.67 7.44
C GLN D 6 -19.49 -32.52 7.00
N SER D 7 -20.42 -32.81 7.89
CA SER D 7 -21.85 -32.69 7.61
C SER D 7 -22.56 -32.19 8.86
N PRO D 8 -23.64 -31.39 8.68
CA PRO D 8 -24.08 -30.87 7.39
C PRO D 8 -23.33 -29.60 7.02
N SER D 9 -23.50 -29.11 5.79
CA SER D 9 -22.86 -27.85 5.41
C SER D 9 -23.45 -26.69 6.20
N SER D 10 -24.71 -26.81 6.59
CA SER D 10 -25.35 -25.77 7.38
C SER D 10 -26.47 -26.39 8.20
N LEU D 11 -26.84 -25.69 9.25
CA LEU D 11 -27.96 -26.15 10.06
C LEU D 11 -28.53 -24.96 10.79
N SER D 12 -29.81 -25.08 11.15
CA SER D 12 -30.56 -24.05 11.83
C SER D 12 -31.20 -24.70 13.05
N ALA D 13 -31.08 -24.06 14.20
CA ALA D 13 -31.62 -24.62 15.43
C ALA D 13 -32.02 -23.51 16.39
N SER D 14 -32.98 -23.81 17.25
CA SER D 14 -33.47 -22.84 18.21
C SER D 14 -32.53 -22.77 19.42
N VAL D 15 -32.63 -21.66 20.16
CA VAL D 15 -31.89 -21.51 21.40
C VAL D 15 -32.31 -22.60 22.37
N GLY D 16 -31.33 -23.30 22.94
CA GLY D 16 -31.60 -24.40 23.84
C GLY D 16 -31.67 -25.76 23.19
N ASP D 17 -31.65 -25.84 21.86
CA ASP D 17 -31.67 -27.11 21.15
C ASP D 17 -30.30 -27.78 21.23
N ARG D 18 -30.31 -29.10 21.07
CA ARG D 18 -29.09 -29.89 20.99
C ARG D 18 -28.65 -29.96 19.54
N VAL D 19 -27.41 -29.58 19.28
CA VAL D 19 -26.84 -29.51 17.93
C VAL D 19 -25.72 -30.52 17.82
N THR D 20 -25.74 -31.31 16.74
CA THR D 20 -24.74 -32.34 16.49
C THR D 20 -24.11 -32.09 15.14
N ILE D 21 -22.78 -31.92 15.12
CA ILE D 21 -22.01 -31.76 13.91
C ILE D 21 -21.06 -32.94 13.82
N THR D 22 -20.96 -33.55 12.65
CA THR D 22 -20.19 -34.76 12.48
C THR D 22 -19.14 -34.60 11.38
N CYS D 23 -17.99 -35.23 11.58
N CYS D 23 -18.00 -35.25 11.58
CA CYS D 23 -16.97 -35.33 10.55
CA CYS D 23 -16.97 -35.37 10.57
C CYS D 23 -16.37 -36.73 10.56
C CYS D 23 -16.42 -36.78 10.57
N ARG D 24 -16.18 -37.30 9.38
CA ARG D 24 -15.61 -38.63 9.21
C ARG D 24 -14.28 -38.52 8.49
N ALA D 25 -13.23 -39.01 9.14
CA ALA D 25 -11.91 -39.08 8.53
C ALA D 25 -11.87 -40.19 7.50
N SER D 26 -11.14 -39.96 6.40
CA SER D 26 -11.05 -40.96 5.34
C SER D 26 -10.35 -42.23 5.82
N GLN D 27 -9.47 -42.10 6.81
CA GLN D 27 -8.81 -43.26 7.42
C GLN D 27 -8.67 -42.97 8.91
N ASP D 28 -8.17 -43.97 9.65
CA ASP D 28 -8.00 -43.82 11.09
C ASP D 28 -7.07 -42.66 11.40
N VAL D 29 -7.48 -41.79 12.33
CA VAL D 29 -6.67 -40.65 12.72
C VAL D 29 -6.51 -40.66 14.24
N ASN D 30 -6.75 -41.82 14.86
CA ASN D 30 -6.63 -42.01 16.30
C ASN D 30 -7.56 -41.00 16.97
N THR D 31 -7.09 -40.21 17.94
CA THR D 31 -7.86 -39.11 18.51
C THR D 31 -7.28 -37.75 18.13
N ALA D 32 -6.47 -37.71 17.05
CA ALA D 32 -5.78 -36.48 16.64
C ALA D 32 -6.72 -35.58 15.83
N VAL D 33 -7.76 -35.11 16.50
CA VAL D 33 -8.78 -34.27 15.88
C VAL D 33 -9.08 -33.10 16.81
N ALA D 34 -9.23 -31.91 16.23
CA ALA D 34 -9.59 -30.71 16.96
C ALA D 34 -10.78 -30.07 16.28
N TRP D 35 -11.55 -29.32 17.07
CA TRP D 35 -12.71 -28.57 16.58
C TRP D 35 -12.49 -27.08 16.79
N TYR D 36 -12.86 -26.28 15.78
CA TYR D 36 -12.67 -24.83 15.80
C TYR D 36 -13.99 -24.12 15.54
N GLN D 37 -14.12 -22.94 16.14
CA GLN D 37 -15.23 -22.03 15.89
C GLN D 37 -14.66 -20.76 15.24
N GLN D 38 -15.33 -20.30 14.19
CA GLN D 38 -14.92 -19.06 13.51
C GLN D 38 -16.11 -18.15 13.32
N LYS D 39 -16.06 -16.98 13.96
CA LYS D 39 -17.09 -15.98 13.76
C LYS D 39 -16.69 -15.03 12.64
N PRO D 40 -17.66 -14.39 11.99
CA PRO D 40 -17.35 -13.53 10.84
C PRO D 40 -16.26 -12.51 11.16
N GLY D 41 -15.27 -12.43 10.29
CA GLY D 41 -14.17 -11.48 10.45
C GLY D 41 -13.16 -11.80 11.52
N LYS D 42 -13.21 -13.00 12.09
CA LYS D 42 -12.32 -13.35 13.19
C LYS D 42 -11.52 -14.59 12.83
N ALA D 43 -10.40 -14.79 13.54
CA ALA D 43 -9.65 -16.03 13.35
C ALA D 43 -10.35 -17.20 14.02
N PRO D 44 -10.08 -18.42 13.56
CA PRO D 44 -10.62 -19.60 14.23
C PRO D 44 -10.20 -19.64 15.69
N LYS D 45 -11.07 -20.22 16.51
CA LYS D 45 -10.85 -20.37 17.95
C LYS D 45 -10.94 -21.85 18.30
N LEU D 46 -9.94 -22.35 19.01
CA LEU D 46 -9.93 -23.77 19.35
C LEU D 46 -11.01 -24.04 20.40
N LEU D 47 -11.84 -25.04 20.13
CA LEU D 47 -12.90 -25.46 21.05
C LEU D 47 -12.57 -26.76 21.76
N ILE D 48 -12.16 -27.78 21.01
CA ILE D 48 -11.96 -29.12 21.53
C ILE D 48 -10.64 -29.64 20.98
N TYR D 49 -9.82 -30.26 21.84
CA TYR D 49 -8.60 -30.88 21.39
C TYR D 49 -8.56 -32.35 21.80
N SER D 50 -7.76 -33.11 21.06
CA SER D 50 -7.67 -34.56 21.22
C SER D 50 -9.06 -35.19 21.25
N ALA D 51 -9.91 -34.73 20.34
CA ALA D 51 -11.25 -35.28 20.07
C ALA D 51 -12.28 -34.95 21.14
N SER D 52 -11.90 -34.96 22.42
CA SER D 52 -12.89 -34.89 23.48
C SER D 52 -12.57 -33.93 24.63
N PHE D 53 -11.49 -33.17 24.57
CA PHE D 53 -11.08 -32.33 25.69
C PHE D 53 -11.47 -30.89 25.46
N LEU D 54 -12.19 -30.31 26.42
CA LEU D 54 -12.65 -28.93 26.31
C LEU D 54 -11.46 -27.99 26.46
N TYR D 55 -11.32 -27.06 25.51
CA TYR D 55 -10.20 -26.15 25.58
C TYR D 55 -10.52 -24.98 26.52
N SER D 56 -9.49 -24.20 26.83
CA SER D 56 -9.57 -23.11 27.79
C SER D 56 -10.69 -22.14 27.47
N GLY D 57 -11.49 -21.80 28.49
CA GLY D 57 -12.49 -20.77 28.36
C GLY D 57 -13.72 -21.16 27.56
N VAL D 58 -13.78 -22.36 27.02
CA VAL D 58 -14.91 -22.75 26.19
C VAL D 58 -16.09 -23.12 27.09
N PRO D 59 -17.30 -22.63 26.80
CA PRO D 59 -18.45 -22.94 27.65
C PRO D 59 -18.67 -24.44 27.74
N SER D 60 -19.24 -24.86 28.88
CA SER D 60 -19.43 -26.27 29.19
C SER D 60 -20.41 -26.96 28.25
N ARG D 61 -21.19 -26.19 27.48
CA ARG D 61 -22.17 -26.81 26.58
C ARG D 61 -21.51 -27.47 25.37
N PHE D 62 -20.25 -27.14 25.08
CA PHE D 62 -19.52 -27.78 24.00
C PHE D 62 -18.86 -29.06 24.50
N SER D 63 -18.97 -30.12 23.69
CA SER D 63 -18.31 -31.38 23.99
C SER D 63 -17.95 -32.07 22.69
N GLY D 64 -16.96 -32.94 22.76
CA GLY D 64 -16.54 -33.72 21.62
C GLY D 64 -16.42 -35.18 21.98
N SER D 65 -16.74 -36.03 21.02
CA SER D 65 -16.62 -37.48 21.19
C SER D 65 -16.08 -38.09 19.91
N ARG D 66 -15.57 -39.31 20.03
CA ARG D 66 -15.02 -40.03 18.90
C ARG D 66 -15.44 -41.48 18.96
N SER D 67 -15.90 -41.99 17.81
CA SER D 67 -16.23 -43.40 17.63
C SER D 67 -15.69 -43.82 16.28
N GLY D 68 -14.58 -44.57 16.28
CA GLY D 68 -13.97 -44.99 15.03
C GLY D 68 -13.45 -43.80 14.27
N THR D 69 -13.82 -43.69 13.00
CA THR D 69 -13.43 -42.52 12.21
C THR D 69 -14.45 -41.40 12.26
N ASP D 70 -15.52 -41.54 13.05
CA ASP D 70 -16.55 -40.52 13.17
C ASP D 70 -16.30 -39.67 14.41
N PHE D 71 -16.25 -38.36 14.23
CA PHE D 71 -16.01 -37.41 15.30
C PHE D 71 -17.21 -36.47 15.38
N THR D 72 -17.62 -36.15 16.59
CA THR D 72 -18.85 -35.39 16.79
C THR D 72 -18.63 -34.23 17.75
N LEU D 73 -19.05 -33.05 17.30
CA LEU D 73 -19.13 -31.87 18.15
C LEU D 73 -20.58 -31.69 18.57
N THR D 74 -20.81 -31.58 19.89
CA THR D 74 -22.15 -31.41 20.42
C THR D 74 -22.25 -30.08 21.16
N ILE D 75 -23.30 -29.32 20.87
CA ILE D 75 -23.69 -28.17 21.68
C ILE D 75 -24.98 -28.55 22.38
N SER D 76 -24.91 -28.79 23.69
CA SER D 76 -26.05 -29.34 24.41
C SER D 76 -27.21 -28.35 24.52
N SER D 77 -26.93 -27.04 24.53
CA SER D 77 -27.97 -26.01 24.65
C SER D 77 -27.52 -24.83 23.79
N LEU D 78 -28.04 -24.75 22.57
CA LEU D 78 -27.56 -23.75 21.62
C LEU D 78 -27.90 -22.35 22.10
N GLN D 79 -26.93 -21.45 22.00
CA GLN D 79 -27.08 -20.08 22.46
C GLN D 79 -26.98 -19.11 21.28
N PRO D 80 -27.50 -17.88 21.42
CA PRO D 80 -27.44 -16.93 20.29
C PRO D 80 -26.02 -16.62 19.84
N GLU D 81 -25.06 -16.56 20.76
CA GLU D 81 -23.67 -16.28 20.40
C GLU D 81 -22.97 -17.44 19.71
N ASP D 82 -23.58 -18.63 19.68
CA ASP D 82 -22.96 -19.79 19.04
C ASP D 82 -23.11 -19.81 17.53
N PHE D 83 -23.83 -18.85 16.95
CA PHE D 83 -23.88 -18.75 15.50
C PHE D 83 -22.48 -18.45 14.95
N ALA D 84 -21.97 -19.37 14.14
CA ALA D 84 -20.62 -19.33 13.63
C ALA D 84 -20.45 -20.48 12.65
N THR D 85 -19.30 -20.55 12.00
CA THR D 85 -18.95 -21.71 11.19
C THR D 85 -17.99 -22.55 12.03
N TYR D 86 -18.27 -23.85 12.08
CA TYR D 86 -17.47 -24.79 12.85
C TYR D 86 -16.68 -25.66 11.89
N TYR D 87 -15.42 -25.92 12.26
CA TYR D 87 -14.51 -26.72 11.46
C TYR D 87 -13.92 -27.83 12.30
N CYS D 88 -13.95 -29.05 11.79
CA CYS D 88 -13.11 -30.12 12.33
C CYS D 88 -11.73 -30.08 11.66
N GLN D 89 -10.77 -30.77 12.29
CA GLN D 89 -9.42 -30.83 11.74
C GLN D 89 -8.75 -32.10 12.24
N GLN D 90 -8.08 -32.82 11.33
CA GLN D 90 -7.19 -33.89 11.73
C GLN D 90 -5.75 -33.41 11.63
N HIS D 91 -4.94 -33.80 12.60
CA HIS D 91 -3.51 -33.50 12.56
C HIS D 91 -2.71 -34.77 12.83
N TYR D 92 -3.24 -35.91 12.40
CA TYR D 92 -2.54 -37.18 12.57
C TYR D 92 -1.37 -37.29 11.60
N THR D 93 -1.53 -36.77 10.38
CA THR D 93 -0.48 -36.75 9.38
C THR D 93 -0.38 -35.36 8.77
N THR D 94 0.67 -35.16 8.00
CA THR D 94 0.89 -33.94 7.22
C THR D 94 0.40 -34.17 5.80
N PRO D 95 -0.42 -33.27 5.23
CA PRO D 95 -0.87 -32.01 5.83
C PRO D 95 -2.06 -32.15 6.76
N PRO D 96 -2.14 -31.31 7.78
CA PRO D 96 -3.38 -31.23 8.55
C PRO D 96 -4.49 -30.71 7.66
N THR D 97 -5.65 -31.37 7.72
CA THR D 97 -6.76 -31.05 6.84
C THR D 97 -7.98 -30.67 7.66
N PHE D 98 -8.73 -29.71 7.13
CA PHE D 98 -9.96 -29.22 7.74
C PHE D 98 -11.16 -29.80 7.02
N GLY D 99 -12.26 -29.94 7.75
CA GLY D 99 -13.53 -30.19 7.12
C GLY D 99 -14.04 -28.97 6.35
N GLN D 100 -15.04 -29.21 5.53
CA GLN D 100 -15.61 -28.16 4.69
C GLN D 100 -16.27 -27.06 5.52
N GLY D 101 -16.56 -27.31 6.79
CA GLY D 101 -17.21 -26.32 7.64
C GLY D 101 -18.71 -26.55 7.76
N THR D 102 -19.26 -26.16 8.91
CA THR D 102 -20.70 -26.22 9.16
C THR D 102 -21.16 -24.85 9.66
N LYS D 103 -22.04 -24.21 8.91
CA LYS D 103 -22.58 -22.91 9.27
C LYS D 103 -23.80 -23.13 10.16
N VAL D 104 -23.78 -22.55 11.36
CA VAL D 104 -24.87 -22.69 12.33
C VAL D 104 -25.56 -21.34 12.44
N GLU D 105 -26.88 -21.34 12.25
CA GLU D 105 -27.68 -20.15 12.46
C GLU D 105 -28.76 -20.47 13.47
N ILE D 106 -29.32 -19.42 14.07
CA ILE D 106 -30.30 -19.55 15.14
C ILE D 106 -31.70 -19.40 14.55
N LYS D 107 -32.59 -20.32 14.92
CA LYS D 107 -34.00 -20.28 14.53
C LYS D 107 -34.78 -19.35 15.47
N ARG D 108 -35.59 -18.47 14.88
CA ARG D 108 -36.46 -17.58 15.65
C ARG D 108 -37.81 -17.52 14.94
N THR D 109 -38.73 -16.76 15.54
CA THR D 109 -40.05 -16.62 14.96
C THR D 109 -39.96 -15.86 13.63
N VAL D 110 -40.95 -16.10 12.76
CA VAL D 110 -40.97 -15.45 11.46
C VAL D 110 -41.17 -13.95 11.65
N ALA D 111 -40.44 -13.16 10.87
CA ALA D 111 -40.56 -11.71 10.89
C ALA D 111 -40.53 -11.21 9.46
N ALA D 112 -41.55 -10.46 9.05
CA ALA D 112 -41.60 -9.90 7.71
C ALA D 112 -40.63 -8.72 7.58
N PRO D 113 -40.04 -8.53 6.40
CA PRO D 113 -39.14 -7.38 6.21
C PRO D 113 -39.91 -6.08 6.08
N SER D 114 -39.29 -5.00 6.57
CA SER D 114 -39.71 -3.66 6.22
C SER D 114 -38.98 -3.29 4.95
N VAL D 115 -39.72 -2.83 3.95
CA VAL D 115 -39.17 -2.62 2.61
C VAL D 115 -39.08 -1.14 2.34
N PHE D 116 -37.96 -0.72 1.73
CA PHE D 116 -37.71 0.66 1.37
C PHE D 116 -37.06 0.67 -0.01
N ILE D 117 -37.40 1.66 -0.83
CA ILE D 117 -36.79 1.82 -2.14
C ILE D 117 -36.14 3.19 -2.21
N PHE D 118 -34.98 3.24 -2.87
CA PHE D 118 -34.20 4.48 -2.98
C PHE D 118 -33.92 4.79 -4.45
N PRO D 119 -34.27 5.99 -4.93
CA PRO D 119 -33.92 6.38 -6.30
C PRO D 119 -32.44 6.68 -6.40
N PRO D 120 -31.88 6.74 -7.60
CA PRO D 120 -30.49 7.20 -7.73
C PRO D 120 -30.39 8.67 -7.39
N SER D 121 -29.28 9.05 -6.77
CA SER D 121 -29.03 10.45 -6.46
C SER D 121 -28.77 11.24 -7.73
N ASP D 122 -29.09 12.54 -7.69
CA ASP D 122 -28.75 13.41 -8.80
C ASP D 122 -27.24 13.45 -9.04
N GLU D 123 -26.42 13.38 -7.99
CA GLU D 123 -24.98 13.34 -8.17
C GLU D 123 -24.53 12.14 -9.00
N GLN D 124 -25.12 10.97 -8.74
CA GLN D 124 -24.70 9.79 -9.50
C GLN D 124 -25.10 9.89 -10.97
N LEU D 125 -26.28 10.44 -11.25
CA LEU D 125 -26.69 10.57 -12.64
C LEU D 125 -25.74 11.44 -13.44
N LYS D 126 -25.11 12.44 -12.80
CA LYS D 126 -24.11 13.24 -13.50
C LYS D 126 -22.95 12.38 -14.00
N SER D 127 -22.65 11.27 -13.30
CA SER D 127 -21.61 10.36 -13.74
C SER D 127 -22.05 9.44 -14.88
N GLY D 128 -23.35 9.34 -15.16
CA GLY D 128 -23.83 8.54 -16.26
C GLY D 128 -24.39 7.18 -15.89
N THR D 129 -24.42 6.84 -14.60
CA THR D 129 -24.96 5.56 -14.14
C THR D 129 -26.05 5.82 -13.11
N ALA D 130 -26.99 4.90 -13.02
CA ALA D 130 -28.09 5.02 -12.07
C ALA D 130 -28.17 3.73 -11.26
N SER D 131 -28.17 3.87 -9.95
CA SER D 131 -28.37 2.74 -9.04
C SER D 131 -29.69 2.93 -8.28
N VAL D 132 -30.55 1.91 -8.31
CA VAL D 132 -31.79 1.89 -7.56
C VAL D 132 -31.64 0.80 -6.49
N VAL D 133 -31.94 1.14 -5.25
CA VAL D 133 -31.67 0.25 -4.12
C VAL D 133 -32.98 -0.08 -3.43
N CYS D 134 -33.20 -1.35 -3.19
CA CYS D 134 -34.33 -1.84 -2.41
C CYS D 134 -33.77 -2.47 -1.13
N LEU D 135 -34.27 -2.05 0.02
CA LEU D 135 -33.81 -2.55 1.31
C LEU D 135 -34.88 -3.41 1.96
N LEU D 136 -34.50 -4.62 2.41
CA LEU D 136 -35.36 -5.49 3.21
C LEU D 136 -34.77 -5.54 4.62
N ASN D 137 -35.47 -4.98 5.61
CA ASN D 137 -34.86 -4.76 6.92
C ASN D 137 -35.43 -5.69 7.98
N ASN D 138 -34.52 -6.31 8.75
CA ASN D 138 -34.81 -7.06 9.97
C ASN D 138 -35.91 -8.11 9.76
N PHE D 139 -35.57 -9.13 8.99
CA PHE D 139 -36.54 -10.19 8.69
C PHE D 139 -35.96 -11.57 9.02
N TYR D 140 -36.85 -12.57 9.06
CA TYR D 140 -36.49 -13.97 9.28
C TYR D 140 -37.64 -14.82 8.74
N PRO D 141 -37.36 -15.91 8.01
CA PRO D 141 -36.03 -16.47 7.65
C PRO D 141 -35.29 -15.70 6.58
N ARG D 142 -34.03 -16.12 6.31
CA ARG D 142 -33.20 -15.42 5.34
C ARG D 142 -33.75 -15.50 3.92
N GLU D 143 -34.45 -16.57 3.59
CA GLU D 143 -34.93 -16.75 2.23
C GLU D 143 -35.93 -15.66 1.87
N ALA D 144 -35.72 -15.05 0.71
CA ALA D 144 -36.61 -14.00 0.22
C ALA D 144 -36.44 -13.89 -1.29
N LYS D 145 -37.50 -13.46 -1.96
CA LYS D 145 -37.49 -13.23 -3.40
C LYS D 145 -37.77 -11.75 -3.65
N VAL D 146 -36.84 -11.09 -4.35
CA VAL D 146 -36.94 -9.67 -4.66
C VAL D 146 -36.91 -9.52 -6.17
N GLN D 147 -37.97 -8.95 -6.75
CA GLN D 147 -38.04 -8.76 -8.19
C GLN D 147 -38.17 -7.28 -8.52
N TRP D 148 -37.43 -6.84 -9.53
CA TRP D 148 -37.45 -5.47 -10.01
C TRP D 148 -38.40 -5.35 -11.19
N LYS D 149 -39.27 -4.35 -11.17
CA LYS D 149 -40.15 -4.07 -12.30
C LYS D 149 -39.97 -2.61 -12.71
N VAL D 150 -39.68 -2.38 -13.98
CA VAL D 150 -39.49 -1.04 -14.52
C VAL D 150 -40.61 -0.80 -15.54
N ASP D 151 -41.51 0.13 -15.21
CA ASP D 151 -42.74 0.34 -15.99
C ASP D 151 -43.47 -0.98 -16.17
N ASN D 152 -43.54 -1.75 -15.09
CA ASN D 152 -44.20 -3.05 -15.03
C ASN D 152 -43.52 -4.12 -15.89
N ALA D 153 -42.30 -3.90 -16.33
CA ALA D 153 -41.54 -4.93 -17.05
C ALA D 153 -40.55 -5.56 -16.09
N LEU D 154 -40.61 -6.89 -15.95
CA LEU D 154 -39.73 -7.59 -15.03
C LEU D 154 -38.28 -7.50 -15.51
N GLN D 155 -37.39 -7.18 -14.59
CA GLN D 155 -35.97 -7.03 -14.89
C GLN D 155 -35.25 -8.34 -14.70
N SER D 156 -34.23 -8.56 -15.52
CA SER D 156 -33.39 -9.75 -15.42
C SER D 156 -31.94 -9.38 -15.73
N GLY D 157 -31.02 -9.91 -14.92
CA GLY D 157 -29.61 -9.79 -15.21
C GLY D 157 -28.97 -8.46 -14.91
N ASN D 158 -29.64 -7.57 -14.18
CA ASN D 158 -29.09 -6.25 -13.90
C ASN D 158 -29.24 -5.86 -12.43
N SER D 159 -29.41 -6.83 -11.54
CA SER D 159 -29.49 -6.53 -10.11
C SER D 159 -28.59 -7.48 -9.33
N GLN D 160 -28.10 -6.99 -8.19
CA GLN D 160 -27.28 -7.79 -7.30
C GLN D 160 -27.75 -7.66 -5.86
N GLU D 161 -27.69 -8.76 -5.13
CA GLU D 161 -28.15 -8.79 -3.76
C GLU D 161 -26.97 -8.95 -2.81
N SER D 162 -27.13 -8.41 -1.60
CA SER D 162 -26.20 -8.64 -0.51
C SER D 162 -27.00 -8.84 0.77
N VAL D 163 -26.54 -9.73 1.65
N VAL D 163 -26.53 -9.73 1.64
CA VAL D 163 -27.26 -10.06 2.87
CA VAL D 163 -27.23 -10.07 2.86
C VAL D 163 -26.31 -9.93 4.05
C VAL D 163 -26.28 -9.88 4.04
N THR D 164 -26.80 -9.30 5.12
CA THR D 164 -26.00 -9.18 6.34
C THR D 164 -25.90 -10.51 7.06
N GLU D 165 -24.93 -10.61 7.97
CA GLU D 165 -24.88 -11.74 8.86
C GLU D 165 -26.03 -11.66 9.85
N GLN D 166 -26.36 -12.79 10.45
CA GLN D 166 -27.48 -12.81 11.38
C GLN D 166 -27.20 -11.88 12.55
N ASP D 167 -28.18 -11.05 12.89
CA ASP D 167 -28.00 -10.06 13.95
C ASP D 167 -27.86 -10.77 15.30
N SER D 168 -26.90 -10.29 16.09
CA SER D 168 -26.68 -10.86 17.41
C SER D 168 -27.81 -10.51 18.37
N LYS D 169 -28.47 -9.38 18.15
CA LYS D 169 -29.51 -8.90 19.07
C LYS D 169 -30.83 -9.62 18.85
N ASP D 170 -31.31 -9.66 17.60
CA ASP D 170 -32.64 -10.18 17.32
C ASP D 170 -32.66 -11.35 16.33
N SER D 171 -31.48 -11.88 15.97
CA SER D 171 -31.36 -13.06 15.11
C SER D 171 -32.00 -12.86 13.74
N THR D 172 -32.11 -11.63 13.29
CA THR D 172 -32.70 -11.35 11.98
C THR D 172 -31.61 -11.07 10.96
N TYR D 173 -32.05 -10.94 9.70
CA TYR D 173 -31.22 -10.63 8.55
C TYR D 173 -31.71 -9.34 7.91
N SER D 174 -30.81 -8.67 7.19
CA SER D 174 -31.21 -7.61 6.28
C SER D 174 -30.60 -7.87 4.91
N LEU D 175 -31.27 -7.38 3.87
CA LEU D 175 -30.88 -7.66 2.50
C LEU D 175 -31.01 -6.42 1.66
N SER D 176 -30.06 -6.19 0.76
CA SER D 176 -30.18 -5.13 -0.22
C SER D 176 -30.21 -5.73 -1.61
N SER D 177 -31.01 -5.15 -2.50
CA SER D 177 -30.97 -5.47 -3.93
C SER D 177 -30.73 -4.18 -4.70
N THR D 178 -29.76 -4.20 -5.60
CA THR D 178 -29.34 -2.98 -6.30
C THR D 178 -29.49 -3.19 -7.79
N LEU D 179 -30.35 -2.38 -8.39
CA LEU D 179 -30.57 -2.40 -9.83
C LEU D 179 -29.68 -1.35 -10.47
N THR D 180 -28.92 -1.75 -11.49
CA THR D 180 -28.03 -0.83 -12.18
C THR D 180 -28.52 -0.59 -13.59
N LEU D 181 -28.70 0.68 -13.95
CA LEU D 181 -29.12 1.08 -15.28
C LEU D 181 -28.22 2.20 -15.79
N SER D 182 -28.18 2.37 -17.10
CA SER D 182 -27.53 3.54 -17.66
C SER D 182 -28.34 4.79 -17.35
N LYS D 183 -27.68 5.94 -17.42
CA LYS D 183 -28.41 7.21 -17.24
C LYS D 183 -29.50 7.36 -18.28
N ALA D 184 -29.20 6.99 -19.54
CA ALA D 184 -30.19 7.12 -20.61
C ALA D 184 -31.37 6.18 -20.38
N ALA D 185 -31.10 4.95 -19.95
CA ALA D 185 -32.18 4.01 -19.70
C ALA D 185 -33.02 4.46 -18.51
N TYR D 186 -32.36 4.97 -17.47
CA TYR D 186 -33.11 5.43 -16.30
C TYR D 186 -34.02 6.60 -16.64
N GLU D 187 -33.57 7.49 -17.51
CA GLU D 187 -34.33 8.68 -17.85
C GLU D 187 -35.47 8.41 -18.82
N LYS D 188 -35.47 7.26 -19.50
CA LYS D 188 -36.58 6.93 -20.38
C LYS D 188 -37.78 6.40 -19.60
N HIS D 189 -37.54 5.66 -18.52
CA HIS D 189 -38.62 5.02 -17.81
C HIS D 189 -39.12 5.90 -16.66
N LYS D 190 -40.28 5.52 -16.11
CA LYS D 190 -40.93 6.32 -15.07
C LYS D 190 -41.13 5.57 -13.76
N VAL D 191 -41.71 4.38 -13.81
CA VAL D 191 -42.16 3.67 -12.62
C VAL D 191 -41.10 2.64 -12.24
N TYR D 192 -40.56 2.76 -11.02
CA TYR D 192 -39.54 1.86 -10.51
C TYR D 192 -40.09 1.17 -9.27
N ALA D 193 -40.14 -0.16 -9.28
CA ALA D 193 -40.80 -0.89 -8.22
C ALA D 193 -39.99 -2.12 -7.86
N CYS D 194 -39.98 -2.42 -6.56
N CYS D 194 -39.87 -2.40 -6.56
CA CYS D 194 -39.35 -3.61 -6.01
CA CYS D 194 -39.32 -3.67 -6.11
C CYS D 194 -40.41 -4.44 -5.31
C CYS D 194 -40.41 -4.44 -5.36
N GLU D 195 -40.59 -5.70 -5.74
CA GLU D 195 -41.64 -6.56 -5.22
C GLU D 195 -41.02 -7.66 -4.37
N VAL D 196 -41.49 -7.78 -3.13
CA VAL D 196 -40.86 -8.66 -2.15
C VAL D 196 -41.80 -9.79 -1.78
N THR D 197 -41.31 -11.02 -1.91
CA THR D 197 -42.00 -12.23 -1.49
C THR D 197 -41.23 -12.84 -0.33
N HIS D 198 -41.94 -13.12 0.76
CA HIS D 198 -41.31 -13.61 1.97
C HIS D 198 -42.37 -14.34 2.78
N GLN D 199 -41.92 -15.33 3.56
CA GLN D 199 -42.85 -16.15 4.36
C GLN D 199 -43.63 -15.31 5.37
N GLY D 200 -43.06 -14.21 5.82
CA GLY D 200 -43.83 -13.34 6.71
C GLY D 200 -44.91 -12.53 6.02
N LEU D 201 -44.99 -12.59 4.69
CA LEU D 201 -45.95 -11.81 3.92
C LEU D 201 -46.93 -12.76 3.24
N SER D 202 -48.23 -12.58 3.54
CA SER D 202 -49.27 -13.40 2.90
C SER D 202 -49.37 -13.11 1.42
N SER D 203 -49.08 -11.87 1.02
CA SER D 203 -49.10 -11.36 -0.34
C SER D 203 -47.84 -10.52 -0.52
N PRO D 204 -47.33 -10.41 -1.75
CA PRO D 204 -46.10 -9.62 -1.95
C PRO D 204 -46.28 -8.15 -1.60
N VAL D 205 -45.19 -7.55 -1.10
CA VAL D 205 -45.11 -6.14 -0.76
C VAL D 205 -44.37 -5.45 -1.89
N THR D 206 -44.91 -4.33 -2.36
CA THR D 206 -44.29 -3.57 -3.44
C THR D 206 -44.02 -2.16 -2.95
N LYS D 207 -42.78 -1.70 -3.11
CA LYS D 207 -42.41 -0.32 -2.90
C LYS D 207 -42.02 0.28 -4.24
N SER D 208 -42.43 1.52 -4.49
CA SER D 208 -42.18 2.09 -5.78
C SER D 208 -42.04 3.60 -5.67
N PHE D 209 -41.44 4.18 -6.71
CA PHE D 209 -41.42 5.62 -6.90
C PHE D 209 -41.56 5.90 -8.39
N ASN D 210 -42.03 7.11 -8.71
CA ASN D 210 -42.05 7.61 -10.08
C ASN D 210 -40.90 8.57 -10.28
N ARG D 211 -40.09 8.34 -11.32
CA ARG D 211 -38.93 9.18 -11.55
C ARG D 211 -39.32 10.65 -11.68
N GLY D 212 -38.62 11.50 -10.94
CA GLY D 212 -38.83 12.94 -10.97
C GLY D 212 -39.97 13.42 -10.11
N GLU D 213 -40.68 12.54 -9.42
CA GLU D 213 -41.84 12.90 -8.61
C GLU D 213 -41.55 12.62 -7.15
N CYS D 214 -40.65 13.41 -6.57
CA CYS D 214 -40.32 13.30 -5.16
C CYS D 214 -39.94 11.88 -4.71
C1 EDO E . 7.09 15.35 -17.77
O1 EDO E . 8.29 15.17 -18.56
C2 EDO E . 7.41 15.72 -16.32
O2 EDO E . 8.28 16.86 -16.21
C1 EDO F . 10.98 9.69 -9.73
O1 EDO F . 11.01 10.77 -8.80
C2 EDO F . 10.91 8.32 -9.06
O2 EDO F . 9.57 8.02 -8.62
C11 BTN G . -4.53 31.86 -32.30
O11 BTN G . -4.17 31.90 -31.10
C10 BTN G . -3.60 32.37 -33.36
C9 BTN G . -3.12 31.16 -34.13
C8 BTN G . -2.05 31.60 -35.10
C7 BTN G . -1.63 30.46 -36.00
C2 BTN G . -0.51 30.97 -36.89
S1 BTN G . -1.07 32.15 -37.97
C6 BTN G . 0.39 31.85 -39.00
C5 BTN G . 0.83 30.40 -38.88
N1 BTN G . 0.26 29.60 -39.95
C3 BTN G . -0.74 28.83 -39.51
O3 BTN G . -1.55 28.05 -40.34
N2 BTN G . -0.85 28.94 -38.19
C4 BTN G . 0.15 29.84 -37.65
C1 EDO H . 3.73 16.77 -35.68
O1 EDO H . 4.08 15.52 -36.27
C2 EDO H . 2.68 16.53 -34.61
O2 EDO H . 1.37 16.77 -35.13
C1 EDO I . 18.95 10.11 -0.59
O1 EDO I . 18.42 8.78 -0.64
C2 EDO I . 18.23 10.99 -1.60
O2 EDO I . 18.23 12.32 -1.07
C1 EDO J . -24.93 -1.57 -3.73
O1 EDO J . -25.92 -1.72 -2.69
C2 EDO J . -23.93 -2.72 -3.83
O2 EDO J . -24.57 -4.01 -3.79
C1 EDO K . -7.24 -14.25 16.43
O1 EDO K . -6.20 -13.71 17.24
C2 EDO K . -8.52 -13.42 16.52
O2 EDO K . -9.07 -13.12 15.21
C1 EDO L . -16.32 -4.62 3.58
O1 EDO L . -15.11 -4.18 2.96
C2 EDO L . -17.24 -5.26 2.54
O2 EDO L . -17.18 -6.69 2.53
C11 BTN M . -39.82 3.31 -23.00
O11 BTN M . -39.03 2.35 -22.96
C10 BTN M . -41.26 3.12 -22.60
C9 BTN M . -41.54 3.93 -21.34
C8 BTN M . -42.96 3.66 -20.87
C7 BTN M . -43.33 4.63 -19.76
C2 BTN M . -44.68 4.22 -19.17
S1 BTN M . -45.91 4.43 -20.31
C6 BTN M . -47.13 4.46 -18.97
C5 BTN M . -46.51 5.05 -17.72
N1 BTN M . -46.78 6.47 -17.63
C3 BTN M . -45.69 7.18 -17.88
O3 BTN M . -45.65 8.59 -17.94
N2 BTN M . -44.63 6.39 -18.05
C4 BTN M . -45.00 5.00 -17.91
#